data_3VNV
#
_entry.id   3VNV
#
_cell.length_a   139.730
_cell.length_b   256.040
_cell.length_c   101.720
_cell.angle_alpha   90.00
_cell.angle_beta   90.00
_cell.angle_gamma   90.00
#
_symmetry.space_group_name_H-M   'C 2 2 21'
#
loop_
_entity.id
_entity.type
_entity.pdbx_description
1 polymer 'Elongation factor Ts, Elongation factor Tu, LINKER, Q beta replicase'
2 polymer "RNA (5'-R(*CP*CP*CP*UP*AP*CP*C)-3')"
3 polymer "RNA (5'-R(*GP*GP*GP*UP*AP*GP*GP*G)-3')"
4 non-polymer "3'-DEOXY-CYTIDINE-5'-TRIPHOSPHATE"
5 non-polymer 'CALCIUM ION'
6 water water
#
loop_
_entity_poly.entity_id
_entity_poly.type
_entity_poly.pdbx_seq_one_letter_code
_entity_poly.pdbx_strand_id
1 'polypeptide(L)'
;MAEITASLVKELRERTGAGMMDCKKALTEANGDIELAIENMRKSGAIKAAKKAGNVAADGVIKTKIDGNYGIILEVNCQT
DFVAKDAGFQAFADKVLDAAVAGKITDVEVLKAQFEEERVALVAKIGENINIRRVAALEGDVLGSYQHGARIGVLVAAKG
ADEELVKHIAMHVAASKPEFIKPEDVSAEVVEKEYQVQLDIAMQSGKPKEIAEKMVEGRMKKFTGEVSLTGQPFVMEPSK
TVGQLLKEHNAEVTGFIRFEVGEGIEKVETDFAAEVAAMSKQSHMSKEKFERTKPHVNVGTIGHVDHGKTTLTAAITTVL
AKTYGGAARAFDQIDNAPEEKARGITINTSHVEYDTPTRHYAHVDCPGHADYVKNMITGAAQMDGAILVVAATDGPMPQT
REHILLGRQVGVPYIIVFLNKCDMVDDEELLELVEMEVRELLSQYDFPGDDTPIVRGSALKALEGDAEWEAKILELAGFL
DSYIPEPERAIDKPFLLPIEDVFSISGRGTVVTGRVERGIIKVGEEVEIVGIKETQKSTCTGVEMFRKLLDEGRAGENVG
VLLRGIKREEIERGQVLAKPGTIKPHTKFESEVYILSKDEGGRHTPFFKGYRPQFYFRTTDVTGTIELPEGVEMVMPGDN
IKMVVTLIHPIAMDDGLRFAIREGGRTVGAGVVAKVLSGASGAAGGGGSGGGGSMSKTASSRNSLSAQLRRAANTRIEVE
GNLALSIANDLLLAYGQSPFNSEAECISFSPRFDGTPDDFRINYLKAEIMSKYDDFSLGIDTEAVAWEKFLAAEAECALT
NARLYRPDYSEDFNFSLGESCIHMARRKIAKLIGDVPSVEGMLRHCRFSGGATTTNNRSYGHPSFKFALPQACTPRALKY
VLALRASTHFDIRISDISPFNKAVTVPKNSKTDRCIAIEPGWNMFFQLGIGGILRDRLRCWGIDLNDQTINQRRAHEGSV
TNNLATVDLSAASDSISLALCELLLPPGWFEVLMDLRSPKGRLPDGSVVTYEKISSMGNGYTFELESLIFASLARSVCEI
LDLDSSEVTVYGDDIILPSCAVPALREVFKYVGFTTNTKKTFSEGPFRESCGKHYYSGVDVTPFYIRHRIVSPADLILVL
NNLYRWATIDGVWDPRAHSVYLKYRKLLPKQLQRNTIPDGYGDGALVGSVLINPFAKNRGWIRYVPVITDHTRDRERAEL
GSYLYDLFSRCLSESNDGLPLRGPSGCDSADLFAIDQLICRSNPTKISRSTGKFDIQYIACSSRVLAPYGVFQGTKVASL
HEAHHHHHH
;
A
2 'polyribonucleotide' CCCUACC G
3 'polyribonucleotide' GGGUAGGG T
#
loop_
_chem_comp.id
_chem_comp.type
_chem_comp.name
_chem_comp.formula
A RNA linking ADENOSINE-5'-MONOPHOSPHATE 'C10 H14 N5 O7 P'
C RNA linking CYTIDINE-5'-MONOPHOSPHATE 'C9 H14 N3 O8 P'
CA non-polymer 'CALCIUM ION' 'Ca 2'
CH1 non-polymer 3'-DEOXY-CYTIDINE-5'-TRIPHOSPHATE 'C9 H16 N3 O13 P3'
G RNA linking GUANOSINE-5'-MONOPHOSPHATE 'C10 H14 N5 O8 P'
U RNA linking URIDINE-5'-MONOPHOSPHATE 'C9 H13 N2 O9 P'
#
# COMPACT_ATOMS: atom_id res chain seq x y z
N ALA A 2 52.80 -12.02 -25.32
CA ALA A 2 52.32 -13.38 -25.19
C ALA A 2 53.46 -14.34 -24.81
N GLU A 3 53.11 -15.53 -24.33
CA GLU A 3 54.10 -16.56 -23.97
C GLU A 3 53.89 -17.82 -24.81
N ILE A 4 53.15 -18.79 -24.25
CA ILE A 4 52.70 -19.97 -24.99
C ILE A 4 51.54 -19.61 -25.92
N THR A 5 51.20 -20.52 -26.81
CA THR A 5 50.30 -20.20 -27.92
C THR A 5 48.81 -20.26 -27.57
N ALA A 6 48.01 -19.65 -28.44
CA ALA A 6 46.56 -19.60 -28.25
C ALA A 6 45.92 -20.97 -28.14
N SER A 7 45.95 -21.75 -29.22
CA SER A 7 45.27 -23.05 -29.26
C SER A 7 45.77 -24.04 -28.21
N LEU A 8 46.84 -23.65 -27.51
CA LEU A 8 47.34 -24.45 -26.39
C LEU A 8 46.42 -24.25 -25.20
N VAL A 9 45.98 -23.01 -24.98
CA VAL A 9 45.07 -22.68 -23.89
C VAL A 9 43.64 -23.18 -24.15
N LYS A 10 43.19 -23.10 -25.41
CA LYS A 10 41.81 -23.46 -25.73
C LYS A 10 41.52 -24.90 -25.28
N GLU A 11 42.37 -25.84 -25.67
CA GLU A 11 42.15 -27.23 -25.30
C GLU A 11 42.34 -27.42 -23.80
N LEU A 12 43.04 -26.49 -23.16
CA LEU A 12 43.12 -26.52 -21.71
C LEU A 12 41.77 -26.13 -21.09
N ARG A 13 41.09 -25.18 -21.74
CA ARG A 13 39.74 -24.82 -21.34
C ARG A 13 38.77 -25.97 -21.59
N GLU A 14 38.75 -26.46 -22.82
CA GLU A 14 37.75 -27.43 -23.24
C GLU A 14 37.75 -28.73 -22.43
N ARG A 15 38.84 -29.02 -21.73
CA ARG A 15 38.89 -30.25 -20.94
C ARG A 15 38.78 -29.95 -19.46
N THR A 16 38.70 -28.66 -19.13
CA THR A 16 38.71 -28.23 -17.74
C THR A 16 37.55 -27.32 -17.34
N GLY A 17 37.32 -26.26 -18.12
CA GLY A 17 36.29 -25.28 -17.82
C GLY A 17 36.83 -24.18 -16.91
N ALA A 18 38.15 -24.19 -16.74
CA ALA A 18 38.85 -23.20 -15.92
C ALA A 18 39.07 -21.91 -16.68
N GLY A 19 39.37 -20.83 -15.95
CA GLY A 19 39.57 -19.53 -16.54
C GLY A 19 40.74 -19.43 -17.51
N MET A 20 40.64 -18.48 -18.44
CA MET A 20 41.66 -18.31 -19.48
C MET A 20 43.06 -18.07 -18.90
N MET A 21 43.20 -17.01 -18.09
CA MET A 21 44.47 -16.67 -17.47
C MET A 21 44.91 -17.71 -16.45
N ASP A 22 43.96 -18.26 -15.71
CA ASP A 22 44.27 -19.36 -14.81
C ASP A 22 44.77 -20.54 -15.64
N CYS A 23 44.44 -20.53 -16.92
CA CYS A 23 44.89 -21.60 -17.81
C CYS A 23 46.26 -21.32 -18.41
N LYS A 24 46.46 -20.10 -18.91
CA LYS A 24 47.74 -19.70 -19.46
C LYS A 24 48.81 -19.72 -18.37
N LYS A 25 48.48 -19.16 -17.21
CA LYS A 25 49.42 -19.06 -16.10
C LYS A 25 49.75 -20.41 -15.46
N ALA A 26 48.89 -21.40 -15.64
CA ALA A 26 49.15 -22.75 -15.13
C ALA A 26 49.69 -23.62 -16.25
N LEU A 27 50.02 -22.96 -17.35
CA LEU A 27 50.56 -23.62 -18.52
C LEU A 27 52.00 -23.15 -18.72
N THR A 28 52.36 -22.11 -17.98
CA THR A 28 53.73 -21.63 -17.96
C THR A 28 54.53 -22.44 -16.94
N GLU A 29 54.00 -22.58 -15.73
CA GLU A 29 54.65 -23.37 -14.69
C GLU A 29 54.55 -24.87 -14.96
N ALA A 30 54.17 -25.21 -16.18
CA ALA A 30 54.10 -26.62 -16.59
C ALA A 30 54.83 -26.78 -17.91
N ASN A 31 55.63 -25.78 -18.26
CA ASN A 31 56.41 -25.75 -19.49
C ASN A 31 55.63 -26.27 -20.71
N GLY A 32 54.40 -25.80 -20.87
CA GLY A 32 53.58 -26.17 -22.00
C GLY A 32 53.16 -27.63 -21.98
N ASP A 33 52.91 -28.15 -20.78
CA ASP A 33 52.49 -29.53 -20.62
C ASP A 33 51.03 -29.64 -20.21
N ILE A 34 50.31 -30.57 -20.86
CA ILE A 34 48.90 -30.79 -20.59
C ILE A 34 48.67 -31.29 -19.17
N GLU A 35 48.86 -32.59 -18.97
CA GLU A 35 48.54 -33.23 -17.70
C GLU A 35 49.15 -32.53 -16.49
N LEU A 36 50.39 -32.07 -16.63
CA LEU A 36 51.04 -31.36 -15.55
C LEU A 36 50.23 -30.12 -15.18
N ALA A 37 49.72 -29.45 -16.21
CA ALA A 37 48.90 -28.25 -16.02
C ALA A 37 47.59 -28.57 -15.29
N ILE A 38 46.84 -29.54 -15.82
CA ILE A 38 45.56 -29.90 -15.23
C ILE A 38 45.70 -30.16 -13.74
N GLU A 39 46.92 -30.46 -13.32
CA GLU A 39 47.18 -30.82 -11.94
C GLU A 39 47.45 -29.62 -11.04
N ASN A 40 48.32 -28.72 -11.48
CA ASN A 40 48.60 -27.50 -10.72
C ASN A 40 47.30 -26.80 -10.37
N MET A 41 46.29 -27.06 -11.18
CA MET A 41 44.96 -26.49 -10.98
C MET A 41 44.15 -27.39 -10.06
N ARG A 42 44.07 -28.67 -10.39
CA ARG A 42 43.41 -29.64 -9.52
C ARG A 42 43.94 -29.49 -8.10
N LYS A 43 45.27 -29.42 -7.99
CA LYS A 43 45.95 -29.31 -6.71
C LYS A 43 45.85 -27.91 -6.10
N SER A 44 45.15 -27.01 -6.79
CA SER A 44 44.90 -25.67 -6.25
C SER A 44 43.40 -25.40 -6.20
N GLY A 45 42.62 -26.41 -6.56
CA GLY A 45 41.18 -26.29 -6.52
C GLY A 45 40.70 -25.83 -5.16
N ALA A 46 41.41 -26.26 -4.13
CA ALA A 46 41.04 -25.94 -2.75
C ALA A 46 41.38 -24.50 -2.38
N ILE A 47 42.52 -24.02 -2.87
CA ILE A 47 42.96 -22.65 -2.54
C ILE A 47 41.89 -21.65 -2.96
N LYS A 48 41.27 -21.91 -4.11
CA LYS A 48 40.13 -21.13 -4.61
C LYS A 48 38.95 -21.26 -3.65
N ALA A 49 38.44 -22.49 -3.55
CA ALA A 49 37.26 -22.79 -2.76
C ALA A 49 37.33 -22.11 -1.40
N ALA A 50 38.36 -22.45 -0.64
CA ALA A 50 38.53 -21.88 0.68
C ALA A 50 38.56 -20.35 0.66
N LYS A 51 38.87 -19.77 -0.49
CA LYS A 51 38.90 -18.32 -0.61
C LYS A 51 37.47 -17.79 -0.69
N LYS A 52 36.52 -18.71 -0.82
CA LYS A 52 35.12 -18.34 -1.01
C LYS A 52 34.27 -18.65 0.21
N ALA A 53 34.82 -19.40 1.16
CA ALA A 53 34.11 -19.67 2.41
C ALA A 53 33.38 -18.43 2.94
N GLY A 54 34.07 -17.30 2.98
CA GLY A 54 33.47 -16.05 3.44
C GLY A 54 32.60 -15.38 2.40
N ASN A 55 31.89 -16.19 1.62
CA ASN A 55 30.91 -15.71 0.65
C ASN A 55 29.56 -16.34 0.97
N VAL A 56 28.57 -15.52 1.30
CA VAL A 56 27.27 -16.01 1.74
C VAL A 56 26.47 -16.70 0.63
N ALA A 57 26.28 -18.01 0.78
CA ALA A 57 25.57 -18.81 -0.23
C ALA A 57 24.12 -19.02 0.19
N ALA A 58 23.29 -18.00 -0.01
CA ALA A 58 21.93 -18.03 0.50
C ALA A 58 20.93 -18.49 -0.55
N ASP A 59 21.43 -18.82 -1.72
CA ASP A 59 20.60 -19.36 -2.79
C ASP A 59 20.90 -20.85 -2.98
N GLY A 60 20.24 -21.47 -3.95
CA GLY A 60 20.50 -22.88 -4.21
C GLY A 60 19.28 -23.62 -4.66
N VAL A 61 19.25 -24.92 -4.41
CA VAL A 61 18.09 -25.72 -4.77
C VAL A 61 17.83 -26.75 -3.69
N ILE A 62 16.60 -27.26 -3.66
CA ILE A 62 16.25 -28.40 -2.83
C ILE A 62 15.82 -29.52 -3.74
N LYS A 63 16.33 -30.71 -3.49
CA LYS A 63 15.97 -31.88 -4.28
C LYS A 63 15.32 -32.88 -3.35
N THR A 64 14.67 -33.88 -3.93
CA THR A 64 13.86 -34.79 -3.15
C THR A 64 13.63 -36.10 -3.92
N LYS A 65 13.90 -37.23 -3.27
CA LYS A 65 13.69 -38.55 -3.89
C LYS A 65 13.06 -39.59 -2.97
N ILE A 66 12.17 -40.41 -3.55
CA ILE A 66 11.43 -41.45 -2.82
C ILE A 66 11.59 -42.85 -3.42
N ASP A 67 11.96 -43.80 -2.57
CA ASP A 67 12.31 -45.17 -2.96
C ASP A 67 11.38 -46.19 -2.30
N GLY A 68 10.39 -46.68 -3.04
CA GLY A 68 9.40 -47.59 -2.50
C GLY A 68 8.60 -46.96 -1.36
N ASN A 69 9.29 -46.71 -0.26
CA ASN A 69 8.74 -45.97 0.87
C ASN A 69 9.88 -45.48 1.75
N TYR A 70 11.00 -45.19 1.11
CA TYR A 70 12.08 -44.46 1.75
C TYR A 70 12.31 -43.16 0.99
N GLY A 71 12.38 -42.05 1.71
CA GLY A 71 12.54 -40.77 1.07
C GLY A 71 13.64 -39.91 1.67
N ILE A 72 14.32 -39.15 0.82
CA ILE A 72 15.31 -38.19 1.30
C ILE A 72 15.08 -36.81 0.70
N ILE A 73 15.37 -35.79 1.51
CA ILE A 73 15.30 -34.40 1.12
C ILE A 73 16.68 -33.76 1.24
N LEU A 74 17.08 -33.00 0.24
CA LEU A 74 18.44 -32.45 0.20
C LEU A 74 18.44 -30.93 -0.07
N GLU A 75 19.40 -30.23 0.54
CA GLU A 75 19.61 -28.82 0.23
C GLU A 75 21.09 -28.49 -0.01
N VAL A 76 21.40 -28.10 -1.25
CA VAL A 76 22.73 -27.61 -1.58
C VAL A 76 22.68 -26.16 -2.08
N ASN A 77 23.34 -25.26 -1.38
CA ASN A 77 23.31 -23.86 -1.76
C ASN A 77 24.29 -23.48 -2.85
N CYS A 78 24.02 -22.32 -3.47
CA CYS A 78 25.00 -21.55 -4.23
C CYS A 78 24.76 -20.12 -3.79
N GLN A 79 25.37 -19.15 -4.46
CA GLN A 79 25.10 -17.77 -4.08
C GLN A 79 24.21 -17.06 -5.09
N THR A 80 23.76 -17.78 -6.11
CA THR A 80 22.98 -17.13 -7.15
C THR A 80 21.85 -17.95 -7.78
N ASP A 81 20.71 -17.28 -7.97
CA ASP A 81 19.63 -17.76 -8.82
C ASP A 81 20.16 -18.50 -10.04
N PHE A 82 20.99 -17.81 -10.82
CA PHE A 82 21.41 -18.31 -12.11
C PHE A 82 22.22 -19.60 -12.00
N VAL A 83 22.93 -19.77 -10.90
CA VAL A 83 23.73 -20.98 -10.72
C VAL A 83 22.82 -22.16 -10.37
N ALA A 84 21.80 -21.90 -9.55
CA ALA A 84 20.82 -22.93 -9.19
C ALA A 84 20.11 -23.58 -10.39
N LYS A 85 19.89 -22.82 -11.46
CA LYS A 85 19.23 -23.38 -12.63
C LYS A 85 20.23 -23.83 -13.68
N ASP A 86 21.51 -23.67 -13.37
CA ASP A 86 22.60 -24.06 -14.26
C ASP A 86 22.73 -25.58 -14.35
N ALA A 87 22.88 -26.08 -15.57
CA ALA A 87 23.00 -27.52 -15.82
C ALA A 87 23.97 -28.26 -14.89
N GLY A 88 25.22 -27.78 -14.86
CA GLY A 88 26.27 -28.41 -14.08
C GLY A 88 25.89 -28.57 -12.62
N PHE A 89 25.58 -27.44 -11.98
CA PHE A 89 25.15 -27.41 -10.58
C PHE A 89 23.91 -28.30 -10.35
N GLN A 90 23.05 -28.38 -11.34
CA GLN A 90 21.94 -29.33 -11.26
C GLN A 90 22.46 -30.75 -11.12
N ALA A 91 23.36 -31.13 -12.03
CA ALA A 91 23.93 -32.48 -12.07
C ALA A 91 24.71 -32.88 -10.80
N PHE A 92 25.42 -31.93 -10.21
CA PHE A 92 26.12 -32.18 -8.95
C PHE A 92 25.11 -32.59 -7.90
N ALA A 93 24.06 -31.76 -7.76
CA ALA A 93 23.06 -32.00 -6.73
C ALA A 93 22.14 -33.16 -7.08
N ASP A 94 21.87 -33.36 -8.36
CA ASP A 94 21.12 -34.54 -8.79
C ASP A 94 21.88 -35.81 -8.42
N LYS A 95 23.21 -35.74 -8.51
CA LYS A 95 24.07 -36.87 -8.16
C LYS A 95 24.25 -37.04 -6.65
N VAL A 96 24.69 -35.97 -5.99
CA VAL A 96 24.87 -35.98 -4.53
C VAL A 96 23.57 -36.43 -3.84
N LEU A 97 22.50 -36.53 -4.62
CA LEU A 97 21.19 -36.90 -4.11
C LEU A 97 20.92 -38.36 -4.42
N ASP A 98 21.07 -38.73 -5.69
CA ASP A 98 20.92 -40.11 -6.13
C ASP A 98 21.81 -41.06 -5.34
N ALA A 99 23.10 -40.75 -5.30
CA ALA A 99 24.06 -41.57 -4.57
C ALA A 99 23.94 -41.37 -3.06
N ALA A 100 23.02 -40.49 -2.65
CA ALA A 100 22.72 -40.32 -1.24
C ALA A 100 21.44 -41.10 -0.87
N VAL A 101 20.73 -41.57 -1.89
CA VAL A 101 19.55 -42.40 -1.70
C VAL A 101 19.97 -43.82 -1.33
N ALA A 102 20.45 -44.54 -2.34
CA ALA A 102 20.96 -45.91 -2.16
C ALA A 102 21.82 -45.98 -0.89
N GLY A 103 22.91 -45.22 -0.90
CA GLY A 103 23.70 -45.05 0.30
C GLY A 103 22.93 -44.16 1.25
N LYS A 104 21.96 -44.76 1.94
CA LYS A 104 21.06 -44.02 2.83
C LYS A 104 21.81 -43.25 3.92
N ILE A 105 22.06 -41.97 3.66
CA ILE A 105 22.83 -41.12 4.57
C ILE A 105 21.92 -40.13 5.31
N THR A 106 22.38 -39.66 6.46
CA THR A 106 21.66 -38.65 7.24
C THR A 106 22.67 -37.75 7.92
N ASP A 107 23.86 -38.30 8.12
CA ASP A 107 24.97 -37.53 8.63
C ASP A 107 25.46 -36.66 7.50
N VAL A 108 25.24 -35.35 7.64
CA VAL A 108 25.52 -34.42 6.56
C VAL A 108 27.00 -34.45 6.16
N GLU A 109 27.88 -34.78 7.10
CA GLU A 109 29.32 -34.74 6.85
C GLU A 109 29.81 -35.90 5.98
N VAL A 110 29.16 -37.05 6.11
CA VAL A 110 29.54 -38.21 5.32
C VAL A 110 29.51 -37.95 3.82
N LEU A 111 28.34 -37.60 3.29
CA LEU A 111 28.21 -37.40 1.85
C LEU A 111 28.92 -36.11 1.43
N LYS A 112 29.05 -35.18 2.36
CA LYS A 112 29.83 -33.99 2.09
C LYS A 112 31.27 -34.35 1.66
N ALA A 113 32.01 -34.98 2.57
CA ALA A 113 33.39 -35.38 2.30
C ALA A 113 33.49 -36.40 1.17
N GLN A 114 32.40 -37.12 0.94
CA GLN A 114 32.34 -38.10 -0.14
C GLN A 114 32.31 -37.39 -1.50
N PHE A 115 32.15 -36.06 -1.45
CA PHE A 115 32.01 -35.23 -2.64
C PHE A 115 32.93 -34.02 -2.62
N GLU A 116 33.60 -33.81 -1.48
CA GLU A 116 34.44 -32.63 -1.29
C GLU A 116 35.48 -32.47 -2.40
N GLU A 117 35.93 -33.60 -2.93
CA GLU A 117 36.97 -33.59 -3.96
C GLU A 117 36.38 -33.22 -5.30
N GLU A 118 35.06 -33.03 -5.34
CA GLU A 118 34.35 -32.70 -6.56
C GLU A 118 33.60 -31.41 -6.38
N ARG A 119 33.25 -31.12 -5.13
CA ARG A 119 32.68 -29.85 -4.77
C ARG A 119 33.65 -28.75 -5.18
N VAL A 120 34.92 -29.11 -5.24
CA VAL A 120 35.98 -28.17 -5.64
C VAL A 120 36.09 -28.07 -7.15
N ALA A 121 35.75 -29.17 -7.83
CA ALA A 121 35.60 -29.16 -9.29
C ALA A 121 34.76 -27.95 -9.72
N LEU A 122 33.49 -27.97 -9.34
CA LEU A 122 32.59 -26.88 -9.67
C LEU A 122 33.08 -25.52 -9.19
N VAL A 123 33.26 -25.37 -7.89
CA VAL A 123 33.54 -24.05 -7.35
C VAL A 123 34.64 -23.37 -8.15
N ALA A 124 35.55 -24.19 -8.68
CA ALA A 124 36.63 -23.69 -9.51
C ALA A 124 36.06 -23.26 -10.85
N LYS A 125 35.33 -24.18 -11.47
CA LYS A 125 34.78 -23.97 -12.81
C LYS A 125 33.74 -22.86 -12.85
N ILE A 126 33.06 -22.61 -11.72
CA ILE A 126 31.96 -21.65 -11.67
C ILE A 126 32.33 -20.29 -11.12
N GLY A 127 32.89 -20.25 -9.91
CA GLY A 127 33.31 -18.98 -9.32
C GLY A 127 32.38 -18.51 -8.25
N GLU A 128 31.53 -19.41 -7.76
CA GLU A 128 30.63 -19.14 -6.63
C GLU A 128 30.84 -20.18 -5.54
N ASN A 129 30.73 -19.76 -4.28
CA ASN A 129 30.78 -20.73 -3.19
C ASN A 129 29.57 -21.64 -3.30
N ILE A 130 29.81 -22.93 -3.35
CA ILE A 130 28.72 -23.89 -3.45
C ILE A 130 29.07 -25.07 -2.57
N ASN A 131 28.10 -25.54 -1.80
CA ASN A 131 28.30 -26.71 -0.93
C ASN A 131 27.02 -27.24 -0.30
N ILE A 132 26.99 -28.55 -0.05
CA ILE A 132 25.88 -29.19 0.64
C ILE A 132 25.64 -28.55 2.01
N ARG A 133 24.40 -28.14 2.29
CA ARG A 133 24.09 -27.43 3.53
C ARG A 133 23.48 -28.33 4.60
N ARG A 134 22.53 -29.15 4.19
CA ARG A 134 21.91 -30.10 5.12
C ARG A 134 21.22 -31.22 4.39
N VAL A 135 20.90 -32.26 5.16
CA VAL A 135 20.20 -33.40 4.63
C VAL A 135 19.49 -34.04 5.82
N ALA A 136 18.39 -34.72 5.51
CA ALA A 136 17.61 -35.43 6.52
C ALA A 136 16.82 -36.51 5.78
N ALA A 137 16.31 -37.46 6.55
CA ALA A 137 15.67 -38.64 5.95
C ALA A 137 14.39 -39.00 6.69
N LEU A 138 13.41 -39.47 5.93
CA LEU A 138 12.12 -39.83 6.50
C LEU A 138 11.61 -41.12 5.87
N GLU A 139 11.13 -42.02 6.71
CA GLU A 139 10.49 -43.25 6.24
C GLU A 139 9.18 -43.50 6.98
N GLY A 140 8.23 -44.11 6.28
CA GLY A 140 6.93 -44.43 6.84
C GLY A 140 6.22 -45.38 5.90
N ASP A 141 4.95 -45.68 6.20
CA ASP A 141 4.19 -46.70 5.48
C ASP A 141 3.79 -46.22 4.08
N VAL A 142 3.32 -44.99 4.00
CA VAL A 142 3.25 -44.30 2.72
C VAL A 142 3.79 -42.88 2.92
N LEU A 143 4.86 -42.56 2.20
CA LEU A 143 5.31 -41.18 2.12
C LEU A 143 5.23 -40.67 0.69
N GLY A 144 5.06 -39.35 0.58
CA GLY A 144 5.00 -38.69 -0.70
C GLY A 144 5.73 -37.37 -0.53
N SER A 145 6.14 -36.79 -1.65
CA SER A 145 6.89 -35.54 -1.63
C SER A 145 6.19 -34.46 -2.44
N TYR A 146 6.64 -33.23 -2.25
CA TYR A 146 6.19 -32.14 -3.10
C TYR A 146 7.34 -31.17 -3.35
N GLN A 147 7.49 -30.83 -4.62
CA GLN A 147 8.57 -29.98 -5.06
C GLN A 147 7.99 -28.71 -5.68
N HIS A 148 8.09 -27.60 -4.94
CA HIS A 148 7.62 -26.31 -5.42
C HIS A 148 8.74 -25.60 -6.16
N GLY A 149 8.90 -25.94 -7.43
CA GLY A 149 10.04 -25.50 -8.19
C GLY A 149 11.30 -26.09 -7.59
N ALA A 150 12.12 -25.23 -7.00
CA ALA A 150 13.37 -25.68 -6.42
C ALA A 150 13.57 -25.00 -5.06
N ARG A 151 12.70 -24.05 -4.77
CA ARG A 151 12.91 -23.16 -3.63
C ARG A 151 12.53 -23.91 -2.37
N ILE A 152 11.80 -24.99 -2.53
CA ILE A 152 11.16 -25.61 -1.39
C ILE A 152 10.59 -26.99 -1.73
N GLY A 153 10.93 -27.98 -0.92
CA GLY A 153 10.34 -29.30 -1.07
C GLY A 153 9.95 -29.81 0.29
N VAL A 154 9.01 -30.73 0.33
CA VAL A 154 8.66 -31.40 1.57
C VAL A 154 8.49 -32.90 1.35
N LEU A 155 8.82 -33.66 2.38
CA LEU A 155 8.52 -35.08 2.41
C LEU A 155 7.48 -35.37 3.48
N VAL A 156 6.44 -36.12 3.11
CA VAL A 156 5.36 -36.41 4.04
C VAL A 156 5.19 -37.91 4.17
N ALA A 157 5.27 -38.39 5.41
CA ALA A 157 5.10 -39.82 5.68
C ALA A 157 3.88 -40.06 6.57
N ALA A 158 2.92 -40.82 6.06
CA ALA A 158 1.70 -41.04 6.81
C ALA A 158 1.16 -42.46 6.70
N LYS A 159 0.65 -42.95 7.82
CA LYS A 159 0.01 -44.25 7.91
C LYS A 159 -1.49 -44.16 7.58
N GLY A 160 -2.00 -45.13 6.83
CA GLY A 160 -3.42 -45.25 6.60
C GLY A 160 -3.92 -44.24 5.60
N ALA A 161 -2.98 -43.56 4.94
CA ALA A 161 -3.33 -42.58 3.92
C ALA A 161 -3.20 -43.22 2.53
N ASP A 162 -3.66 -42.51 1.49
CA ASP A 162 -3.53 -43.00 0.11
C ASP A 162 -2.63 -42.14 -0.79
N GLU A 163 -2.79 -42.30 -2.10
CA GLU A 163 -1.88 -41.68 -3.08
C GLU A 163 -1.95 -40.15 -3.12
N GLU A 164 -3.04 -39.61 -3.64
CA GLU A 164 -3.21 -38.17 -3.75
C GLU A 164 -3.25 -37.51 -2.36
N LEU A 165 -3.90 -38.16 -1.41
CA LEU A 165 -3.97 -37.61 -0.07
C LEU A 165 -2.60 -37.11 0.43
N VAL A 166 -1.55 -37.90 0.21
CA VAL A 166 -0.23 -37.55 0.75
C VAL A 166 0.45 -36.47 -0.07
N LYS A 167 0.16 -36.44 -1.36
CA LYS A 167 0.55 -35.31 -2.19
C LYS A 167 -0.02 -34.04 -1.56
N HIS A 168 -1.35 -33.94 -1.56
CA HIS A 168 -2.06 -32.80 -0.99
C HIS A 168 -1.53 -32.38 0.39
N ILE A 169 -1.37 -33.34 1.29
CA ILE A 169 -0.78 -33.03 2.59
C ILE A 169 0.61 -32.42 2.42
N ALA A 170 1.36 -32.93 1.45
CA ALA A 170 2.71 -32.44 1.21
C ALA A 170 2.67 -30.98 0.72
N MET A 171 1.82 -30.72 -0.28
CA MET A 171 1.57 -29.36 -0.76
C MET A 171 1.14 -28.41 0.36
N HIS A 172 0.14 -28.81 1.14
CA HIS A 172 -0.26 -27.98 2.26
C HIS A 172 0.94 -27.63 3.14
N VAL A 173 1.77 -28.62 3.44
CA VAL A 173 2.92 -28.41 4.31
C VAL A 173 3.84 -27.34 3.75
N ALA A 174 3.96 -27.33 2.42
CA ALA A 174 4.77 -26.35 1.72
C ALA A 174 4.16 -24.96 1.82
N ALA A 175 2.83 -24.86 1.81
CA ALA A 175 2.17 -23.59 2.03
C ALA A 175 2.18 -23.14 3.50
N SER A 176 1.70 -24.00 4.41
CA SER A 176 1.40 -23.52 5.75
C SER A 176 2.49 -23.65 6.82
N LYS A 177 3.65 -24.21 6.46
CA LYS A 177 4.80 -24.27 7.36
C LYS A 177 4.53 -24.77 8.81
N PRO A 178 3.85 -25.92 8.95
CA PRO A 178 3.57 -26.41 10.29
C PRO A 178 4.84 -26.85 11.01
N GLU A 179 5.11 -26.29 12.18
CA GLU A 179 6.35 -26.54 12.90
C GLU A 179 6.25 -27.78 13.80
N PHE A 180 5.06 -28.38 13.85
CA PHE A 180 4.82 -29.63 14.57
C PHE A 180 3.75 -30.40 13.84
N ILE A 181 3.48 -31.60 14.32
CA ILE A 181 2.57 -32.48 13.60
C ILE A 181 1.25 -32.53 14.36
N LYS A 182 1.26 -32.04 15.60
CA LYS A 182 0.08 -32.10 16.45
C LYS A 182 0.16 -31.07 17.56
N PRO A 183 -0.99 -30.47 17.92
CA PRO A 183 -1.05 -29.45 18.97
C PRO A 183 -0.37 -29.91 20.26
N GLU A 184 -0.38 -31.22 20.50
CA GLU A 184 0.09 -31.80 21.75
C GLU A 184 1.56 -32.24 21.68
N ASP A 185 2.25 -31.79 20.64
CA ASP A 185 3.64 -32.15 20.40
C ASP A 185 4.59 -31.01 20.68
N VAL A 186 4.06 -29.89 21.16
CA VAL A 186 4.90 -28.73 21.35
C VAL A 186 5.68 -28.80 22.65
N SER A 187 6.92 -28.35 22.62
CA SER A 187 7.81 -28.45 23.77
C SER A 187 7.15 -27.89 25.02
N ALA A 188 6.65 -28.80 25.86
CA ALA A 188 5.96 -28.41 27.08
C ALA A 188 6.83 -27.55 27.99
N GLU A 189 8.02 -27.19 27.50
CA GLU A 189 8.86 -26.25 28.19
C GLU A 189 8.83 -24.90 27.46
N VAL A 190 9.14 -24.93 26.16
CA VAL A 190 9.11 -23.73 25.34
C VAL A 190 7.77 -23.02 25.50
N VAL A 191 6.75 -23.81 25.84
CA VAL A 191 5.40 -23.32 26.04
C VAL A 191 5.14 -22.99 27.51
N GLU A 192 5.49 -23.90 28.40
CA GLU A 192 5.23 -23.70 29.84
C GLU A 192 5.92 -22.43 30.36
N LYS A 193 6.92 -21.95 29.62
CA LYS A 193 7.64 -20.73 29.99
C LYS A 193 7.20 -19.54 29.12
N GLU A 194 6.50 -19.84 28.03
CA GLU A 194 5.86 -18.83 27.19
C GLU A 194 4.48 -18.41 27.78
N TYR A 195 3.89 -19.30 28.56
CA TYR A 195 2.68 -19.03 29.34
C TYR A 195 3.06 -18.24 30.60
N GLN A 196 4.33 -18.31 30.95
CA GLN A 196 4.84 -17.66 32.14
C GLN A 196 5.30 -16.24 31.85
N VAL A 197 5.39 -15.89 30.56
CA VAL A 197 5.69 -14.53 30.14
C VAL A 197 4.45 -13.68 29.81
N GLN A 198 3.44 -14.30 29.19
CA GLN A 198 2.19 -13.61 28.85
C GLN A 198 1.41 -13.19 30.10
N LEU A 199 1.44 -14.05 31.13
CA LEU A 199 0.70 -13.83 32.38
C LEU A 199 0.95 -12.44 33.01
N ASP A 200 2.14 -11.89 32.80
CA ASP A 200 2.43 -10.53 33.23
C ASP A 200 1.77 -9.52 32.30
N ILE A 201 2.13 -9.56 31.02
CA ILE A 201 1.57 -8.66 30.00
C ILE A 201 0.12 -8.35 30.35
N ALA A 202 -0.57 -9.40 30.82
CA ALA A 202 -1.97 -9.32 31.15
C ALA A 202 -2.23 -8.85 32.58
N MET A 203 -1.54 -9.46 33.55
CA MET A 203 -1.79 -9.12 34.96
C MET A 203 -1.21 -7.76 35.36
N GLN A 204 -0.30 -7.25 34.52
CA GLN A 204 0.22 -5.88 34.66
C GLN A 204 -0.72 -4.82 34.05
N SER A 205 -1.50 -5.23 33.04
CA SER A 205 -2.58 -4.40 32.50
C SER A 205 -3.67 -4.23 33.58
N GLY A 206 -3.49 -4.93 34.71
CA GLY A 206 -4.37 -4.82 35.87
C GLY A 206 -5.36 -5.96 35.98
N LYS A 207 -5.46 -6.77 34.94
CA LYS A 207 -6.45 -7.85 34.89
C LYS A 207 -6.31 -8.85 36.06
N PRO A 208 -7.42 -9.07 36.80
CA PRO A 208 -7.55 -10.09 37.86
C PRO A 208 -6.98 -11.46 37.50
N LYS A 209 -6.42 -12.13 38.50
CA LYS A 209 -5.73 -13.41 38.33
C LYS A 209 -6.43 -14.27 37.29
N GLU A 210 -7.61 -14.77 37.62
CA GLU A 210 -8.28 -15.75 36.78
C GLU A 210 -8.66 -15.24 35.36
N ILE A 211 -8.56 -13.92 35.14
CA ILE A 211 -8.88 -13.36 33.82
C ILE A 211 -7.65 -13.38 32.94
N ALA A 212 -6.54 -12.93 33.48
CA ALA A 212 -5.34 -12.91 32.67
C ALA A 212 -4.99 -14.35 32.28
N GLU A 213 -5.24 -15.27 33.20
CA GLU A 213 -4.93 -16.67 33.00
C GLU A 213 -5.73 -17.21 31.84
N LYS A 214 -7.05 -17.22 32.03
CA LYS A 214 -7.98 -17.75 31.05
C LYS A 214 -7.70 -17.19 29.67
N MET A 215 -7.46 -15.89 29.60
CA MET A 215 -7.13 -15.25 28.34
C MET A 215 -5.89 -15.88 27.72
N VAL A 216 -4.81 -15.87 28.48
CA VAL A 216 -3.53 -16.43 28.03
C VAL A 216 -3.69 -17.89 27.60
N GLU A 217 -4.53 -18.62 28.30
CA GLU A 217 -4.76 -20.02 27.98
C GLU A 217 -5.38 -20.14 26.60
N GLY A 218 -6.48 -19.42 26.37
CA GLY A 218 -7.14 -19.42 25.08
C GLY A 218 -6.21 -18.98 23.98
N ARG A 219 -5.44 -17.93 24.25
CA ARG A 219 -4.40 -17.47 23.32
C ARG A 219 -3.43 -18.60 22.96
N MET A 220 -2.87 -19.24 24.00
CA MET A 220 -1.86 -20.29 23.82
C MET A 220 -2.44 -21.50 23.14
N LYS A 221 -3.70 -21.82 23.45
CA LYS A 221 -4.38 -22.90 22.77
C LYS A 221 -4.36 -22.68 21.26
N LYS A 222 -4.58 -21.42 20.86
CA LYS A 222 -4.50 -21.03 19.45
C LYS A 222 -3.07 -21.00 18.95
N PHE A 223 -2.27 -20.13 19.56
CA PHE A 223 -0.82 -20.04 19.30
C PHE A 223 -0.22 -21.37 18.86
N THR A 224 -0.74 -22.48 19.41
CA THR A 224 -0.24 -23.81 19.07
C THR A 224 -1.02 -24.45 17.94
N GLY A 225 -2.34 -24.55 18.09
CA GLY A 225 -3.15 -25.16 17.06
C GLY A 225 -2.75 -24.67 15.67
N GLU A 226 -2.31 -23.42 15.60
CA GLU A 226 -2.00 -22.79 14.32
C GLU A 226 -0.62 -23.19 13.76
N VAL A 227 0.35 -23.33 14.65
CA VAL A 227 1.68 -23.76 14.23
C VAL A 227 1.76 -25.30 14.19
N SER A 228 0.61 -25.95 14.07
CA SER A 228 0.55 -27.39 14.15
C SER A 228 -0.28 -27.96 13.02
N LEU A 229 0.35 -28.77 12.18
CA LEU A 229 -0.34 -29.35 11.03
C LEU A 229 -1.79 -29.64 11.32
N THR A 230 -2.04 -30.29 12.45
CA THR A 230 -3.38 -30.73 12.85
C THR A 230 -4.45 -29.62 12.86
N GLY A 231 -4.20 -28.57 13.63
CA GLY A 231 -5.13 -27.46 13.74
C GLY A 231 -4.87 -26.38 12.70
N GLN A 232 -4.53 -26.79 11.49
CA GLN A 232 -4.33 -25.85 10.37
C GLN A 232 -5.43 -25.97 9.33
N PRO A 233 -6.12 -24.85 9.06
CA PRO A 233 -7.08 -24.87 7.96
C PRO A 233 -6.44 -25.50 6.72
N PHE A 234 -6.92 -26.66 6.32
CA PHE A 234 -6.39 -27.33 5.15
C PHE A 234 -6.35 -26.39 3.97
N VAL A 235 -5.24 -26.39 3.25
CA VAL A 235 -5.01 -25.44 2.18
C VAL A 235 -5.95 -25.62 0.98
N MET A 236 -6.41 -26.84 0.70
CA MET A 236 -7.26 -27.10 -0.47
C MET A 236 -8.75 -27.10 -0.10
N GLU A 237 -9.00 -26.66 1.13
CA GLU A 237 -10.35 -26.51 1.66
C GLU A 237 -10.19 -25.92 3.04
N PRO A 238 -10.07 -24.59 3.11
CA PRO A 238 -9.74 -23.95 4.38
C PRO A 238 -10.86 -24.12 5.38
N SER A 239 -12.04 -24.53 4.92
CA SER A 239 -13.15 -24.73 5.84
C SER A 239 -12.83 -25.81 6.88
N LYS A 240 -12.38 -26.99 6.45
CA LYS A 240 -11.95 -28.00 7.42
C LYS A 240 -10.44 -28.02 7.54
N THR A 241 -9.94 -28.31 8.76
CA THR A 241 -8.49 -28.31 8.99
C THR A 241 -7.87 -29.66 8.65
N VAL A 242 -6.54 -29.70 8.57
CA VAL A 242 -5.81 -30.92 8.29
C VAL A 242 -6.20 -32.01 9.29
N GLY A 243 -6.28 -31.64 10.57
CA GLY A 243 -6.77 -32.54 11.59
C GLY A 243 -8.01 -33.30 11.14
N GLN A 244 -9.09 -32.56 10.84
CA GLN A 244 -10.35 -33.16 10.40
C GLN A 244 -10.23 -33.90 9.06
N LEU A 245 -9.35 -33.41 8.18
CA LEU A 245 -9.16 -34.06 6.89
C LEU A 245 -8.65 -35.49 7.07
N LEU A 246 -7.76 -35.65 8.04
CA LEU A 246 -7.14 -36.93 8.37
C LEU A 246 -8.16 -37.86 9.04
N LYS A 247 -8.66 -37.43 10.19
CA LYS A 247 -9.63 -38.18 10.97
C LYS A 247 -10.71 -38.83 10.10
N GLU A 248 -11.14 -38.13 9.05
CA GLU A 248 -12.20 -38.63 8.18
C GLU A 248 -11.65 -39.40 6.97
N HIS A 249 -10.39 -39.81 7.07
CA HIS A 249 -9.76 -40.64 6.06
C HIS A 249 -9.11 -41.85 6.73
N ASN A 250 -9.51 -42.08 7.97
CA ASN A 250 -8.94 -43.13 8.82
C ASN A 250 -7.41 -43.13 8.77
N ALA A 251 -6.84 -41.95 8.62
CA ALA A 251 -5.39 -41.80 8.47
C ALA A 251 -4.77 -40.88 9.51
N GLU A 252 -3.45 -40.96 9.64
CA GLU A 252 -2.68 -39.99 10.42
C GLU A 252 -1.32 -39.74 9.76
N VAL A 253 -0.57 -38.78 10.27
CA VAL A 253 0.68 -38.41 9.65
C VAL A 253 1.82 -38.71 10.61
N THR A 254 2.65 -39.68 10.24
CA THR A 254 3.75 -40.10 11.10
C THR A 254 4.85 -39.04 11.18
N GLY A 255 4.98 -38.21 10.13
CA GLY A 255 5.94 -37.12 10.12
C GLY A 255 6.14 -36.44 8.76
N PHE A 256 6.86 -35.32 8.76
CA PHE A 256 7.11 -34.53 7.55
C PHE A 256 8.40 -33.73 7.65
N ILE A 257 9.04 -33.47 6.51
CA ILE A 257 10.13 -32.52 6.46
C ILE A 257 9.84 -31.46 5.42
N ARG A 258 10.06 -30.19 5.76
CA ARG A 258 10.06 -29.14 4.75
C ARG A 258 11.32 -28.29 4.88
N PHE A 259 12.04 -28.20 3.75
CA PHE A 259 13.23 -27.37 3.64
C PHE A 259 12.91 -26.22 2.71
N GLU A 260 13.51 -25.05 2.98
CA GLU A 260 13.43 -23.92 2.07
C GLU A 260 14.82 -23.30 1.87
N VAL A 261 15.24 -23.25 0.61
CA VAL A 261 16.50 -22.63 0.23
C VAL A 261 16.74 -21.34 1.00
N GLY A 262 17.80 -21.33 1.79
CA GLY A 262 18.23 -20.09 2.42
C GLY A 262 17.73 -19.89 3.84
N GLU A 263 16.66 -20.57 4.23
CA GLU A 263 16.19 -20.53 5.62
C GLU A 263 17.31 -20.30 6.64
N GLY A 264 17.16 -19.27 7.48
CA GLY A 264 18.11 -18.97 8.52
C GLY A 264 19.53 -18.69 8.04
N ILE A 265 19.65 -17.90 6.99
CA ILE A 265 20.95 -17.50 6.49
C ILE A 265 20.82 -16.04 6.13
N GLU A 266 21.32 -15.15 7.00
CA GLU A 266 21.18 -13.69 6.88
C GLU A 266 20.76 -13.11 5.52
N LYS A 267 21.41 -13.56 4.45
CA LYS A 267 21.22 -13.00 3.11
C LYS A 267 21.41 -11.49 3.14
N VAL A 268 22.67 -11.10 3.33
CA VAL A 268 23.03 -9.70 3.49
C VAL A 268 22.43 -8.81 2.41
N GLU A 269 21.77 -7.73 2.86
CA GLU A 269 21.19 -6.74 1.96
C GLU A 269 22.22 -6.23 0.95
N THR A 270 21.73 -5.63 -0.13
CA THR A 270 22.61 -5.04 -1.13
C THR A 270 21.97 -3.86 -1.87
N ASP A 271 22.54 -2.67 -1.66
CA ASP A 271 22.07 -1.48 -2.36
C ASP A 271 23.01 -1.16 -3.52
N PHE A 272 22.46 -1.02 -4.72
CA PHE A 272 23.28 -0.83 -5.92
C PHE A 272 23.80 0.60 -6.08
N ALA A 273 22.89 1.56 -6.18
CA ALA A 273 23.31 2.94 -6.42
C ALA A 273 24.36 3.43 -5.42
N ALA A 274 23.99 3.44 -4.14
CA ALA A 274 24.87 3.98 -3.11
C ALA A 274 26.16 3.18 -2.95
N GLU A 275 26.26 2.06 -3.64
CA GLU A 275 27.49 1.28 -3.66
C GLU A 275 28.35 1.73 -4.82
N VAL A 276 27.71 2.15 -5.90
CA VAL A 276 28.46 2.61 -7.05
C VAL A 276 29.14 3.90 -6.65
N ALA A 277 28.40 4.79 -6.00
CA ALA A 277 28.95 6.05 -5.52
C ALA A 277 30.05 5.74 -4.52
N ALA A 278 29.92 4.59 -3.86
CA ALA A 278 30.91 4.13 -2.88
C ALA A 278 32.21 3.69 -3.54
N MET A 279 32.08 3.14 -4.75
CA MET A 279 33.25 2.72 -5.51
C MET A 279 33.68 3.88 -6.41
N SER A 280 32.81 4.87 -6.56
CA SER A 280 33.13 6.05 -7.33
C SER A 280 33.94 7.00 -6.44
N LYS A 281 33.79 6.86 -5.12
CA LYS A 281 34.44 7.73 -4.15
C LYS A 281 35.96 7.65 -4.20
N GLN A 282 36.49 6.45 -4.41
CA GLN A 282 37.94 6.28 -4.50
C GLN A 282 38.57 7.18 -5.58
N SER A 283 37.83 7.45 -6.65
CA SER A 283 38.29 8.37 -7.68
C SER A 283 37.39 9.61 -7.78
N HIS A 284 36.61 9.85 -6.74
CA HIS A 284 36.04 11.18 -6.51
C HIS A 284 37.24 12.08 -6.21
N MET A 285 38.25 11.47 -5.59
CA MET A 285 39.52 12.12 -5.26
C MET A 285 40.24 12.63 -6.50
N SER A 286 41.39 12.00 -6.80
CA SER A 286 42.24 12.44 -7.91
C SER A 286 41.45 12.50 -9.22
N PHE A 290 17.07 23.50 -20.42
CA PHE A 290 17.54 23.55 -21.80
C PHE A 290 16.96 22.40 -22.64
N GLU A 291 17.83 21.52 -23.10
CA GLU A 291 17.44 20.34 -23.87
C GLU A 291 16.95 19.24 -22.93
N ARG A 292 15.67 19.33 -22.56
CA ARG A 292 15.06 18.41 -21.59
C ARG A 292 14.26 17.32 -22.30
N THR A 293 14.01 17.52 -23.59
CA THR A 293 13.19 16.60 -24.37
C THR A 293 13.99 15.36 -24.80
N LYS A 294 15.20 15.21 -24.26
CA LYS A 294 16.08 14.11 -24.65
C LYS A 294 15.51 12.76 -24.24
N PRO A 295 15.65 11.75 -25.13
CA PRO A 295 15.01 10.45 -24.95
C PRO A 295 15.56 9.73 -23.74
N HIS A 296 14.73 8.87 -23.17
CA HIS A 296 15.05 8.15 -21.94
C HIS A 296 15.21 6.65 -22.21
N VAL A 297 16.35 6.08 -21.83
CA VAL A 297 16.63 4.68 -22.12
C VAL A 297 17.02 3.87 -20.89
N ASN A 298 16.37 2.73 -20.71
CA ASN A 298 16.72 1.85 -19.61
C ASN A 298 17.72 0.78 -20.00
N VAL A 299 18.77 0.65 -19.21
CA VAL A 299 19.73 -0.40 -19.43
C VAL A 299 19.96 -1.20 -18.17
N GLY A 300 20.26 -2.48 -18.35
CA GLY A 300 20.53 -3.34 -17.22
C GLY A 300 21.89 -3.97 -17.42
N THR A 301 22.57 -4.20 -16.31
CA THR A 301 23.87 -4.84 -16.35
C THR A 301 23.66 -6.26 -15.84
N ILE A 302 24.33 -7.23 -16.46
CA ILE A 302 24.06 -8.62 -16.15
C ILE A 302 25.32 -9.43 -16.40
N GLY A 303 25.76 -10.20 -15.41
CA GLY A 303 26.90 -11.07 -15.59
C GLY A 303 27.31 -11.70 -14.28
N HIS A 304 28.43 -12.42 -14.28
CA HIS A 304 28.94 -13.09 -13.06
C HIS A 304 29.27 -12.15 -11.88
N VAL A 305 28.94 -12.60 -10.68
CA VAL A 305 28.96 -11.75 -9.49
C VAL A 305 30.12 -10.78 -9.43
N ASP A 306 31.35 -11.32 -9.43
CA ASP A 306 32.52 -10.47 -9.29
C ASP A 306 33.33 -10.36 -10.58
N HIS A 307 32.69 -10.60 -11.71
CA HIS A 307 33.33 -10.32 -12.99
C HIS A 307 33.40 -8.81 -13.21
N GLY A 308 32.96 -8.05 -12.22
CA GLY A 308 33.20 -6.62 -12.17
C GLY A 308 32.04 -5.79 -12.68
N LYS A 309 30.85 -6.32 -12.50
CA LYS A 309 29.64 -5.68 -12.99
C LYS A 309 29.51 -4.33 -12.33
N THR A 310 29.86 -4.28 -11.05
CA THR A 310 29.67 -3.07 -10.26
C THR A 310 30.75 -2.02 -10.56
N THR A 311 31.96 -2.48 -10.82
CA THR A 311 33.05 -1.58 -11.15
C THR A 311 32.80 -0.93 -12.52
N LEU A 312 32.09 -1.65 -13.39
CA LEU A 312 31.89 -1.14 -14.74
C LEU A 312 30.90 -0.02 -14.76
N THR A 313 29.90 -0.13 -13.90
CA THR A 313 28.87 0.88 -13.85
C THR A 313 29.39 2.12 -13.08
N ALA A 314 30.42 1.89 -12.25
CA ALA A 314 31.12 3.00 -11.63
C ALA A 314 31.90 3.76 -12.70
N ALA A 315 32.75 3.01 -13.41
CA ALA A 315 33.42 3.55 -14.58
C ALA A 315 32.45 4.31 -15.47
N ILE A 316 31.38 3.66 -15.90
CA ILE A 316 30.48 4.32 -16.84
C ILE A 316 30.03 5.67 -16.32
N THR A 317 30.05 5.85 -15.01
CA THR A 317 29.51 7.08 -14.43
C THR A 317 30.53 8.18 -14.32
N THR A 318 31.67 7.89 -13.70
CA THR A 318 32.72 8.90 -13.60
C THR A 318 33.06 9.39 -15.00
N VAL A 319 33.52 8.46 -15.83
CA VAL A 319 33.96 8.79 -17.19
C VAL A 319 32.96 9.63 -17.95
N LEU A 320 31.69 9.27 -17.87
CA LEU A 320 30.63 10.02 -18.56
C LEU A 320 30.47 11.43 -17.98
N ALA A 321 30.57 11.55 -16.67
CA ALA A 321 30.51 12.85 -16.02
C ALA A 321 31.76 13.65 -16.38
N LYS A 322 32.92 13.03 -16.21
CA LYS A 322 34.21 13.61 -16.57
C LYS A 322 34.19 14.19 -17.99
N THR A 323 33.67 13.43 -18.94
CA THR A 323 33.62 13.86 -20.33
C THR A 323 32.43 14.77 -20.60
N TYR A 324 31.30 14.19 -20.95
CA TYR A 324 30.12 14.95 -21.34
C TYR A 324 29.52 15.75 -20.18
N GLY A 325 30.34 15.94 -19.14
CA GLY A 325 30.05 16.79 -18.00
C GLY A 325 28.60 17.12 -17.71
N GLY A 326 28.06 16.49 -16.66
CA GLY A 326 26.70 16.76 -16.23
C GLY A 326 26.10 15.65 -15.38
N ASN A 348 13.31 2.31 -12.26
CA ASN A 348 12.87 2.70 -10.92
C ASN A 348 13.47 1.81 -9.81
N THR A 349 13.57 2.37 -8.60
CA THR A 349 14.04 1.62 -7.44
C THR A 349 15.54 1.26 -7.50
N SER A 350 16.36 2.04 -6.80
CA SER A 350 17.81 1.86 -6.77
C SER A 350 18.37 1.64 -8.17
N HIS A 351 18.74 2.74 -8.81
CA HIS A 351 19.13 2.72 -10.19
C HIS A 351 19.94 3.96 -10.47
N VAL A 352 21.19 3.77 -10.89
CA VAL A 352 22.03 4.90 -11.27
C VAL A 352 21.60 5.45 -12.63
N GLU A 353 21.82 6.76 -12.85
CA GLU A 353 21.54 7.36 -14.13
C GLU A 353 22.68 8.24 -14.63
N TYR A 354 23.00 8.10 -15.90
CA TYR A 354 24.05 8.90 -16.51
C TYR A 354 23.61 9.46 -17.86
N ASP A 355 24.38 10.43 -18.36
CA ASP A 355 23.99 11.16 -19.56
C ASP A 355 25.00 11.06 -20.70
N THR A 356 24.49 10.91 -21.92
CA THR A 356 25.27 11.12 -23.14
C THR A 356 24.76 12.40 -23.83
N PRO A 357 25.65 13.07 -24.58
CA PRO A 357 25.29 14.29 -25.31
C PRO A 357 23.97 14.17 -26.06
N THR A 358 23.46 12.96 -26.22
CA THR A 358 22.27 12.78 -27.04
C THR A 358 21.10 12.08 -26.30
N ARG A 359 21.39 11.43 -25.18
CA ARG A 359 20.30 10.79 -24.44
C ARG A 359 20.60 10.55 -22.97
N HIS A 360 19.58 10.08 -22.25
CA HIS A 360 19.67 9.90 -20.80
C HIS A 360 19.35 8.49 -20.37
N TYR A 361 20.23 7.92 -19.55
CA TYR A 361 20.13 6.51 -19.19
C TYR A 361 19.76 6.27 -17.72
N ALA A 362 18.91 5.27 -17.50
CA ALA A 362 18.74 4.69 -16.18
C ALA A 362 19.27 3.26 -16.24
N HIS A 363 20.02 2.87 -15.23
CA HIS A 363 20.76 1.62 -15.26
C HIS A 363 20.50 0.75 -14.03
N VAL A 364 19.97 -0.46 -14.26
CA VAL A 364 19.75 -1.41 -13.18
C VAL A 364 20.70 -2.58 -13.20
N ASP A 365 20.84 -3.26 -12.07
CA ASP A 365 21.59 -4.50 -12.00
C ASP A 365 20.62 -5.68 -12.01
N CYS A 366 21.04 -6.79 -12.59
CA CYS A 366 20.19 -7.99 -12.64
C CYS A 366 20.84 -9.16 -11.91
N PRO A 367 21.04 -8.99 -10.60
CA PRO A 367 21.77 -9.95 -9.77
C PRO A 367 20.98 -11.25 -9.56
N GLY A 368 19.68 -11.23 -9.84
CA GLY A 368 18.86 -12.41 -9.71
C GLY A 368 17.85 -12.57 -10.83
N HIS A 369 17.56 -13.81 -11.19
CA HIS A 369 16.68 -14.15 -12.30
C HIS A 369 15.23 -13.92 -11.91
N ALA A 370 14.76 -14.67 -10.93
CA ALA A 370 13.43 -14.46 -10.38
C ALA A 370 13.25 -13.00 -10.05
N ASP A 371 14.08 -12.47 -9.18
CA ASP A 371 13.95 -11.08 -8.78
C ASP A 371 13.79 -10.15 -9.99
N TYR A 372 14.43 -10.47 -11.11
CA TYR A 372 14.28 -9.59 -12.26
C TYR A 372 12.92 -9.75 -12.94
N VAL A 373 12.54 -10.99 -13.22
CA VAL A 373 11.23 -11.27 -13.79
C VAL A 373 10.12 -10.59 -12.99
N LYS A 374 10.26 -10.60 -11.67
CA LYS A 374 9.32 -9.95 -10.81
C LYS A 374 9.22 -8.49 -11.18
N ASN A 375 10.35 -7.78 -11.17
CA ASN A 375 10.37 -6.35 -11.47
C ASN A 375 9.95 -5.98 -12.90
N MET A 376 10.20 -6.87 -13.85
CA MET A 376 9.75 -6.67 -15.21
C MET A 376 8.22 -6.76 -15.37
N ILE A 377 7.60 -7.73 -14.70
CA ILE A 377 6.14 -7.83 -14.71
C ILE A 377 5.53 -6.67 -13.94
N THR A 378 6.08 -6.41 -12.76
CA THR A 378 5.53 -5.42 -11.87
C THR A 378 5.78 -4.00 -12.40
N GLY A 379 6.42 -3.91 -13.57
CA GLY A 379 6.74 -2.63 -14.17
C GLY A 379 7.76 -1.77 -13.43
N ALA A 380 8.17 -2.20 -12.24
CA ALA A 380 9.13 -1.45 -11.43
C ALA A 380 10.50 -1.35 -12.06
N ALA A 381 10.72 -2.03 -13.19
CA ALA A 381 11.98 -1.92 -13.91
C ALA A 381 12.04 -2.68 -15.24
N GLN A 382 11.76 -2.00 -16.35
CA GLN A 382 11.91 -2.64 -17.66
C GLN A 382 13.32 -2.47 -18.17
N MET A 383 13.52 -2.77 -19.44
CA MET A 383 14.84 -2.74 -20.01
C MET A 383 14.80 -2.64 -21.52
N ASP A 384 15.48 -1.64 -22.05
CA ASP A 384 15.54 -1.42 -23.48
C ASP A 384 16.75 -2.14 -24.07
N GLY A 385 17.75 -2.35 -23.23
CA GLY A 385 18.90 -3.15 -23.61
C GLY A 385 19.69 -3.61 -22.40
N ALA A 386 20.25 -4.80 -22.47
CA ALA A 386 21.10 -5.28 -21.39
C ALA A 386 22.54 -5.07 -21.77
N ILE A 387 23.40 -5.12 -20.77
CA ILE A 387 24.81 -5.12 -21.03
C ILE A 387 25.44 -6.29 -20.25
N LEU A 388 25.88 -7.28 -21.01
CA LEU A 388 26.44 -8.51 -20.46
C LEU A 388 27.91 -8.33 -20.14
N VAL A 389 28.26 -8.59 -18.88
CA VAL A 389 29.59 -8.28 -18.38
C VAL A 389 30.38 -9.55 -18.09
N VAL A 390 31.40 -9.81 -18.89
CA VAL A 390 32.31 -10.91 -18.57
C VAL A 390 33.81 -10.50 -18.55
N ALA A 391 34.49 -10.94 -17.51
CA ALA A 391 35.90 -10.69 -17.35
C ALA A 391 36.67 -11.61 -18.31
N ALA A 392 37.61 -11.03 -19.06
CA ALA A 392 38.36 -11.79 -20.07
C ALA A 392 39.40 -12.72 -19.45
N THR A 393 39.71 -12.51 -18.18
CA THR A 393 40.65 -13.34 -17.46
C THR A 393 40.04 -14.69 -17.14
N ASP A 394 38.72 -14.79 -17.27
CA ASP A 394 38.02 -16.05 -17.01
C ASP A 394 37.33 -16.53 -18.28
N GLY A 395 36.68 -15.62 -18.99
CA GLY A 395 35.83 -15.96 -20.11
C GLY A 395 34.41 -16.22 -19.65
N PRO A 396 33.52 -16.60 -20.58
CA PRO A 396 32.17 -16.93 -20.14
C PRO A 396 32.20 -18.04 -19.11
N MET A 397 31.41 -17.90 -18.07
CA MET A 397 31.28 -18.92 -17.04
C MET A 397 30.18 -19.84 -17.49
N PRO A 398 30.12 -21.05 -16.91
CA PRO A 398 29.04 -21.99 -17.23
C PRO A 398 27.66 -21.35 -17.08
N GLN A 399 27.51 -20.47 -16.09
CA GLN A 399 26.21 -19.86 -15.82
C GLN A 399 25.97 -18.64 -16.67
N THR A 400 26.93 -18.30 -17.52
CA THR A 400 26.68 -17.23 -18.47
C THR A 400 25.51 -17.62 -19.38
N ARG A 401 25.29 -18.91 -19.58
CA ARG A 401 24.14 -19.36 -20.37
C ARG A 401 22.87 -18.79 -19.75
N GLU A 402 22.75 -18.94 -18.43
CA GLU A 402 21.55 -18.54 -17.73
C GLU A 402 21.36 -17.01 -17.73
N HIS A 403 22.46 -16.28 -17.89
CA HIS A 403 22.36 -14.83 -18.01
C HIS A 403 21.71 -14.46 -19.33
N ILE A 404 22.32 -14.88 -20.42
CA ILE A 404 21.74 -14.67 -21.74
C ILE A 404 20.32 -15.23 -21.79
N LEU A 405 20.11 -16.39 -21.19
CA LEU A 405 18.81 -17.03 -21.20
C LEU A 405 17.74 -16.16 -20.52
N LEU A 406 18.15 -15.47 -19.44
CA LEU A 406 17.24 -14.56 -18.76
C LEU A 406 16.86 -13.47 -19.73
N GLY A 407 17.87 -12.90 -20.37
CA GLY A 407 17.63 -11.90 -21.39
C GLY A 407 16.62 -12.44 -22.39
N ARG A 408 16.85 -13.67 -22.84
CA ARG A 408 15.99 -14.23 -23.86
C ARG A 408 14.56 -14.32 -23.36
N GLN A 409 14.37 -14.91 -22.18
CA GLN A 409 13.05 -15.13 -21.60
C GLN A 409 12.24 -13.87 -21.31
N VAL A 410 12.92 -12.80 -20.91
CA VAL A 410 12.24 -11.56 -20.61
C VAL A 410 12.08 -10.67 -21.85
N GLY A 411 12.77 -11.03 -22.93
CA GLY A 411 12.65 -10.31 -24.19
C GLY A 411 13.40 -8.99 -24.25
N VAL A 412 14.54 -8.90 -23.55
CA VAL A 412 15.36 -7.72 -23.71
C VAL A 412 15.65 -7.68 -25.20
N PRO A 413 15.38 -6.53 -25.83
CA PRO A 413 15.45 -6.45 -27.29
C PRO A 413 16.87 -6.53 -27.84
N TYR A 414 17.85 -5.96 -27.14
CA TYR A 414 19.26 -5.94 -27.59
C TYR A 414 20.20 -6.21 -26.42
N ILE A 415 21.33 -6.82 -26.72
CA ILE A 415 22.34 -7.14 -25.72
C ILE A 415 23.73 -6.75 -26.19
N ILE A 416 24.35 -5.84 -25.44
CA ILE A 416 25.72 -5.37 -25.70
C ILE A 416 26.68 -6.05 -24.75
N VAL A 417 27.88 -6.33 -25.22
CA VAL A 417 28.90 -7.02 -24.42
C VAL A 417 30.11 -6.18 -24.05
N PHE A 418 30.40 -6.11 -22.75
CA PHE A 418 31.59 -5.46 -22.23
C PHE A 418 32.54 -6.49 -21.67
N LEU A 419 33.52 -6.88 -22.49
CA LEU A 419 34.65 -7.66 -22.01
C LEU A 419 35.42 -6.83 -21.00
N ASN A 420 35.73 -7.41 -19.84
CA ASN A 420 36.31 -6.64 -18.77
C ASN A 420 37.64 -7.20 -18.30
N LYS A 421 38.46 -6.33 -17.71
CA LYS A 421 39.75 -6.70 -17.16
C LYS A 421 40.65 -7.28 -18.23
N CYS A 422 40.68 -6.63 -19.39
CA CYS A 422 41.43 -7.14 -20.55
C CYS A 422 42.93 -6.89 -20.39
N ASP A 423 43.26 -5.91 -19.54
CA ASP A 423 44.64 -5.55 -19.28
C ASP A 423 45.42 -6.66 -18.55
N MET A 424 44.70 -7.47 -17.79
CA MET A 424 45.31 -8.60 -17.09
C MET A 424 45.47 -9.78 -18.05
N VAL A 425 45.54 -9.49 -19.35
CA VAL A 425 45.71 -10.53 -20.37
C VAL A 425 46.84 -10.19 -21.34
N ASP A 426 47.82 -11.10 -21.47
CA ASP A 426 48.91 -10.87 -22.43
C ASP A 426 48.47 -11.17 -23.86
N ASP A 427 48.51 -12.45 -24.24
CA ASP A 427 48.19 -12.83 -25.61
C ASP A 427 46.88 -12.15 -26.02
N GLU A 428 46.96 -11.33 -27.07
CA GLU A 428 45.78 -10.66 -27.60
C GLU A 428 44.95 -11.65 -28.42
N GLU A 429 45.57 -12.76 -28.81
CA GLU A 429 44.88 -13.82 -29.52
C GLU A 429 43.91 -14.52 -28.57
N LEU A 430 44.17 -14.33 -27.26
CA LEU A 430 43.34 -14.92 -26.23
C LEU A 430 42.02 -14.19 -26.07
N LEU A 431 42.05 -12.86 -26.22
CA LEU A 431 40.84 -12.07 -26.27
C LEU A 431 40.01 -12.41 -27.51
N GLU A 432 40.67 -12.58 -28.65
CA GLU A 432 39.98 -12.96 -29.89
C GLU A 432 39.21 -14.25 -29.66
N LEU A 433 39.62 -14.97 -28.62
CA LEU A 433 39.15 -16.32 -28.32
C LEU A 433 37.96 -16.33 -27.36
N VAL A 434 38.07 -15.56 -26.29
CA VAL A 434 36.96 -15.32 -25.38
C VAL A 434 35.80 -14.75 -26.15
N GLU A 435 36.12 -13.78 -27.01
CA GLU A 435 35.10 -13.11 -27.79
C GLU A 435 34.35 -14.07 -28.71
N MET A 436 35.02 -15.11 -29.19
CA MET A 436 34.34 -16.13 -29.97
C MET A 436 33.32 -16.86 -29.12
N GLU A 437 33.74 -17.25 -27.92
CA GLU A 437 32.87 -17.99 -27.02
C GLU A 437 31.59 -17.23 -26.74
N VAL A 438 31.70 -15.93 -26.49
CA VAL A 438 30.51 -15.14 -26.15
C VAL A 438 29.57 -15.09 -27.34
N ARG A 439 30.12 -14.77 -28.50
CA ARG A 439 29.30 -14.70 -29.71
C ARG A 439 28.57 -16.02 -29.93
N GLU A 440 29.24 -17.14 -29.68
CA GLU A 440 28.57 -18.41 -29.91
C GLU A 440 27.45 -18.68 -28.90
N LEU A 441 27.63 -18.26 -27.65
CA LEU A 441 26.54 -18.33 -26.69
C LEU A 441 25.38 -17.42 -27.09
N LEU A 442 25.67 -16.16 -27.40
CA LEU A 442 24.60 -15.25 -27.79
C LEU A 442 23.70 -15.85 -28.88
N SER A 443 24.32 -16.53 -29.85
CA SER A 443 23.59 -17.04 -31.01
C SER A 443 22.81 -18.31 -30.69
N GLN A 444 23.25 -19.03 -29.67
CA GLN A 444 22.54 -20.21 -29.24
C GLN A 444 21.18 -19.83 -28.64
N TYR A 445 21.01 -18.55 -28.32
CA TYR A 445 19.75 -18.05 -27.76
C TYR A 445 19.15 -16.95 -28.63
N ASP A 446 19.40 -17.06 -29.93
CA ASP A 446 18.69 -16.29 -30.95
C ASP A 446 19.06 -14.81 -30.99
N PHE A 447 20.01 -14.41 -30.17
CA PHE A 447 20.55 -13.06 -30.26
C PHE A 447 21.52 -12.96 -31.44
N PRO A 448 21.71 -11.74 -31.93
CA PRO A 448 22.52 -11.50 -33.13
C PRO A 448 24.02 -11.65 -32.85
N GLY A 449 24.45 -12.85 -32.46
CA GLY A 449 25.83 -13.07 -32.03
C GLY A 449 26.93 -12.49 -32.91
N ASP A 450 26.81 -12.71 -34.21
CA ASP A 450 27.82 -12.28 -35.18
C ASP A 450 27.88 -10.76 -35.30
N ASP A 451 26.78 -10.09 -34.98
CA ASP A 451 26.69 -8.65 -35.19
C ASP A 451 26.63 -7.82 -33.88
N THR A 452 26.80 -8.46 -32.72
CA THR A 452 26.66 -7.75 -31.43
C THR A 452 27.96 -7.09 -30.97
N PRO A 453 27.87 -5.83 -30.55
CA PRO A 453 29.02 -5.05 -30.07
C PRO A 453 29.76 -5.72 -28.93
N ILE A 454 31.09 -5.73 -28.98
CA ILE A 454 31.87 -6.20 -27.87
C ILE A 454 33.08 -5.32 -27.64
N VAL A 455 33.06 -4.57 -26.54
CA VAL A 455 34.17 -3.70 -26.21
C VAL A 455 35.17 -4.40 -25.28
N ARG A 456 36.43 -4.46 -25.70
CA ARG A 456 37.49 -5.00 -24.85
C ARG A 456 37.95 -3.91 -23.90
N GLY A 457 37.65 -4.06 -22.61
CA GLY A 457 37.91 -3.00 -21.67
C GLY A 457 38.43 -3.39 -20.29
N SER A 458 38.65 -2.38 -19.46
CA SER A 458 39.00 -2.56 -18.05
C SER A 458 38.40 -1.45 -17.22
N ALA A 459 37.51 -1.82 -16.30
CA ALA A 459 36.81 -0.84 -15.48
C ALA A 459 37.76 -0.21 -14.48
N LEU A 460 38.62 -1.04 -13.90
CA LEU A 460 39.60 -0.64 -12.91
C LEU A 460 40.45 0.55 -13.39
N LYS A 461 41.18 0.34 -14.49
CA LYS A 461 42.05 1.37 -15.03
C LYS A 461 41.26 2.62 -15.41
N ALA A 462 40.03 2.43 -15.87
CA ALA A 462 39.16 3.54 -16.23
C ALA A 462 38.98 4.51 -15.06
N LEU A 463 38.80 3.95 -13.87
CA LEU A 463 38.56 4.73 -12.67
C LEU A 463 39.82 5.38 -12.16
N GLU A 464 40.97 4.88 -12.64
CA GLU A 464 42.28 5.44 -12.32
C GLU A 464 42.63 6.55 -13.31
N GLY A 465 41.64 7.01 -14.06
CA GLY A 465 41.78 8.14 -14.96
C GLY A 465 42.58 7.85 -16.21
N ASP A 466 43.23 6.67 -16.25
CA ASP A 466 44.02 6.23 -17.39
C ASP A 466 43.23 6.30 -18.71
N ALA A 467 43.51 7.31 -19.53
CA ALA A 467 42.67 7.62 -20.70
C ALA A 467 42.75 6.63 -21.88
N GLU A 468 43.74 5.73 -21.86
CA GLU A 468 43.72 4.63 -22.81
C GLU A 468 42.44 3.86 -22.57
N TRP A 469 42.36 3.21 -21.42
CA TRP A 469 41.19 2.43 -21.04
C TRP A 469 39.97 3.30 -20.74
N GLU A 470 40.08 4.60 -20.90
CA GLU A 470 38.95 5.49 -20.65
C GLU A 470 38.08 5.63 -21.89
N ALA A 471 38.70 5.57 -23.06
CA ALA A 471 37.97 5.74 -24.31
C ALA A 471 37.17 4.49 -24.68
N LYS A 472 37.46 3.37 -24.00
CA LYS A 472 36.70 2.15 -24.17
C LYS A 472 35.34 2.27 -23.48
N ILE A 473 35.35 2.77 -22.25
CA ILE A 473 34.11 3.10 -21.57
C ILE A 473 33.32 4.05 -22.48
N LEU A 474 33.94 5.16 -22.84
CA LEU A 474 33.33 6.08 -23.80
C LEU A 474 32.75 5.31 -24.98
N GLU A 475 33.54 4.37 -25.50
CA GLU A 475 33.14 3.54 -26.63
C GLU A 475 31.90 2.70 -26.30
N LEU A 476 31.89 2.10 -25.12
CA LEU A 476 30.71 1.37 -24.69
C LEU A 476 29.46 2.25 -24.77
N ALA A 477 29.56 3.48 -24.27
CA ALA A 477 28.41 4.38 -24.27
C ALA A 477 28.02 4.83 -25.67
N GLY A 478 28.99 4.78 -26.58
CA GLY A 478 28.73 5.07 -27.97
C GLY A 478 27.86 4.00 -28.58
N PHE A 479 28.11 2.75 -28.22
CA PHE A 479 27.27 1.64 -28.63
C PHE A 479 25.87 1.74 -28.02
N LEU A 480 25.80 2.14 -26.77
CA LEU A 480 24.53 2.42 -26.12
C LEU A 480 23.73 3.42 -26.94
N ASP A 481 24.41 4.46 -27.44
CA ASP A 481 23.75 5.51 -28.20
C ASP A 481 23.31 5.05 -29.59
N SER A 482 24.04 4.10 -30.16
CA SER A 482 23.84 3.76 -31.58
C SER A 482 23.28 2.38 -31.86
N TYR A 483 23.34 1.48 -30.88
CA TYR A 483 22.87 0.09 -31.07
C TYR A 483 21.52 -0.20 -30.43
N ILE A 484 21.28 0.38 -29.26
CA ILE A 484 19.97 0.36 -28.65
C ILE A 484 19.15 1.49 -29.28
N PRO A 485 18.21 1.15 -30.17
CA PRO A 485 17.46 2.17 -30.91
C PRO A 485 16.58 3.04 -30.01
N GLU A 486 16.50 4.33 -30.32
CA GLU A 486 15.67 5.28 -29.57
C GLU A 486 14.24 4.75 -29.39
N PRO A 487 13.79 4.66 -28.13
CA PRO A 487 12.46 4.14 -27.79
C PRO A 487 11.36 5.07 -28.31
N GLU A 488 10.16 4.55 -28.47
CA GLU A 488 9.11 5.30 -29.16
C GLU A 488 8.37 6.28 -28.25
N ARG A 489 8.54 7.57 -28.59
CA ARG A 489 7.91 8.64 -27.86
C ARG A 489 6.40 8.43 -27.88
N ALA A 490 5.78 8.51 -26.70
CA ALA A 490 4.36 8.19 -26.54
C ALA A 490 3.47 8.90 -27.55
N ILE A 491 3.89 10.09 -27.98
CA ILE A 491 3.08 10.88 -28.91
C ILE A 491 3.11 10.30 -30.32
N ASP A 492 4.14 9.55 -30.63
CA ASP A 492 4.33 9.06 -32.00
C ASP A 492 3.57 7.77 -32.27
N LYS A 493 3.12 7.11 -31.21
CA LYS A 493 2.27 5.94 -31.34
C LYS A 493 0.84 6.39 -31.66
N PRO A 494 -0.04 5.45 -32.06
CA PRO A 494 -1.40 5.78 -32.51
C PRO A 494 -2.36 6.10 -31.38
N PHE A 495 -3.28 7.01 -31.62
CA PHE A 495 -4.18 7.48 -30.59
C PHE A 495 -4.92 6.36 -29.86
N LEU A 496 -5.01 6.54 -28.54
CA LEU A 496 -5.75 5.65 -27.67
C LEU A 496 -6.10 6.38 -26.37
N LEU A 497 -7.35 6.28 -25.93
CA LEU A 497 -7.73 6.92 -24.68
C LEU A 497 -8.64 6.00 -23.90
N PRO A 498 -8.19 5.57 -22.73
CA PRO A 498 -9.00 4.66 -21.94
C PRO A 498 -10.22 5.40 -21.40
N ILE A 499 -11.40 4.92 -21.75
CA ILE A 499 -12.61 5.62 -21.40
C ILE A 499 -12.96 5.46 -19.94
N GLU A 500 -12.97 6.57 -19.21
CA GLU A 500 -13.35 6.56 -17.81
C GLU A 500 -14.84 6.78 -17.56
N ASP A 501 -15.46 7.72 -18.27
CA ASP A 501 -16.91 7.95 -18.11
C ASP A 501 -17.56 8.56 -19.34
N VAL A 502 -18.86 8.30 -19.47
CA VAL A 502 -19.65 8.80 -20.58
C VAL A 502 -20.74 9.74 -20.10
N PHE A 503 -20.97 10.80 -20.87
CA PHE A 503 -21.97 11.78 -20.53
C PHE A 503 -22.85 12.10 -21.74
N SER A 504 -24.15 12.27 -21.51
CA SER A 504 -25.05 12.77 -22.55
C SER A 504 -25.34 14.25 -22.30
N ILE A 505 -24.76 15.10 -23.13
CA ILE A 505 -24.84 16.55 -22.97
C ILE A 505 -25.77 17.22 -23.98
N SER A 506 -26.93 17.69 -23.52
CA SER A 506 -27.92 18.33 -24.38
C SER A 506 -27.33 19.39 -25.32
N GLY A 507 -27.47 19.17 -26.62
CA GLY A 507 -27.02 20.13 -27.62
C GLY A 507 -25.51 20.13 -27.81
N ARG A 508 -24.90 18.96 -27.63
CA ARG A 508 -23.47 18.80 -27.71
C ARG A 508 -23.14 17.29 -27.59
N GLY A 509 -24.15 16.46 -27.83
CA GLY A 509 -23.98 15.02 -28.00
C GLY A 509 -23.33 14.21 -26.88
N THR A 510 -22.73 13.09 -27.28
CA THR A 510 -22.06 12.18 -26.36
C THR A 510 -20.62 12.61 -26.13
N VAL A 511 -20.18 12.59 -24.88
CA VAL A 511 -18.80 12.94 -24.56
C VAL A 511 -18.18 11.95 -23.57
N VAL A 512 -16.94 11.54 -23.84
CA VAL A 512 -16.21 10.70 -22.90
C VAL A 512 -15.04 11.48 -22.32
N THR A 513 -14.61 11.09 -21.14
CA THR A 513 -13.44 11.72 -20.55
C THR A 513 -12.41 10.67 -20.16
N GLY A 514 -11.17 11.11 -20.10
CA GLY A 514 -10.09 10.26 -19.65
C GLY A 514 -8.78 10.91 -19.96
N ARG A 515 -7.70 10.16 -19.73
CA ARG A 515 -6.39 10.68 -20.01
C ARG A 515 -5.98 10.03 -21.30
N VAL A 516 -5.68 10.80 -22.34
CA VAL A 516 -5.20 10.18 -23.56
C VAL A 516 -3.87 9.50 -23.28
N GLU A 517 -3.84 8.18 -23.50
CA GLU A 517 -2.71 7.33 -23.14
C GLU A 517 -1.55 7.38 -24.14
N ARG A 518 -1.85 7.58 -25.42
CA ARG A 518 -0.81 7.72 -26.41
C ARG A 518 -1.34 8.21 -27.75
N GLY A 519 -0.52 8.98 -28.45
CA GLY A 519 -0.92 9.55 -29.72
C GLY A 519 -1.48 10.95 -29.58
N ILE A 520 -2.18 11.39 -30.62
CA ILE A 520 -2.87 12.66 -30.63
C ILE A 520 -4.23 12.49 -31.29
N ILE A 521 -5.24 13.16 -30.75
CA ILE A 521 -6.52 13.20 -31.46
C ILE A 521 -6.86 14.63 -31.88
N LYS A 522 -7.22 14.79 -33.14
CA LYS A 522 -7.62 16.08 -33.67
C LYS A 522 -9.11 16.04 -33.96
N VAL A 523 -9.75 17.20 -33.89
CA VAL A 523 -11.17 17.28 -34.20
C VAL A 523 -11.39 16.96 -35.67
N GLY A 524 -12.44 16.20 -35.96
CA GLY A 524 -12.72 15.79 -37.33
C GLY A 524 -12.26 14.38 -37.67
N GLU A 525 -11.13 13.96 -37.10
CA GLU A 525 -10.65 12.59 -37.28
C GLU A 525 -11.65 11.57 -36.79
N GLU A 526 -11.62 10.38 -37.39
CA GLU A 526 -12.53 9.33 -36.98
C GLU A 526 -11.89 8.44 -35.92
N VAL A 527 -12.74 7.88 -35.06
CA VAL A 527 -12.28 7.03 -33.99
C VAL A 527 -13.13 5.78 -33.88
N GLU A 528 -12.52 4.69 -33.42
CA GLU A 528 -13.28 3.50 -33.04
C GLU A 528 -13.45 3.49 -31.53
N ILE A 529 -14.61 3.02 -31.06
CA ILE A 529 -14.79 2.75 -29.63
C ILE A 529 -14.91 1.23 -29.43
N VAL A 530 -13.86 0.68 -28.83
CA VAL A 530 -13.61 -0.75 -28.80
C VAL A 530 -13.28 -1.26 -27.40
N GLY A 531 -13.87 -2.39 -27.05
CA GLY A 531 -13.61 -3.01 -25.77
C GLY A 531 -14.59 -4.11 -25.43
N ILE A 532 -15.73 -3.75 -24.89
CA ILE A 532 -16.53 -4.72 -24.16
C ILE A 532 -17.68 -5.26 -25.01
N LYS A 533 -18.19 -4.43 -25.90
CA LYS A 533 -19.24 -4.86 -26.78
C LYS A 533 -18.70 -4.90 -28.19
N GLU A 534 -19.57 -5.08 -29.17
CA GLU A 534 -19.16 -5.08 -30.56
C GLU A 534 -18.55 -3.72 -30.88
N THR A 535 -17.32 -3.74 -31.39
CA THR A 535 -16.63 -2.49 -31.69
C THR A 535 -17.50 -1.57 -32.55
N GLN A 536 -17.38 -0.26 -32.33
CA GLN A 536 -18.19 0.73 -33.02
C GLN A 536 -17.33 1.86 -33.56
N LYS A 537 -17.85 2.59 -34.53
CA LYS A 537 -17.10 3.66 -35.17
C LYS A 537 -17.82 4.98 -34.95
N SER A 538 -17.05 6.07 -35.03
CA SER A 538 -17.60 7.41 -34.85
C SER A 538 -16.55 8.40 -35.24
N THR A 539 -16.86 9.68 -35.13
CA THR A 539 -15.89 10.70 -35.48
C THR A 539 -15.86 11.86 -34.47
N CYS A 540 -14.68 12.45 -34.29
CA CYS A 540 -14.45 13.43 -33.24
C CYS A 540 -15.00 14.83 -33.54
N THR A 541 -15.88 15.29 -32.67
CA THR A 541 -16.50 16.60 -32.79
C THR A 541 -15.69 17.70 -32.13
N GLY A 542 -15.22 17.44 -30.92
CA GLY A 542 -14.41 18.42 -30.21
C GLY A 542 -13.54 17.81 -29.12
N VAL A 543 -12.72 18.65 -28.51
CA VAL A 543 -11.85 18.24 -27.41
C VAL A 543 -11.75 19.36 -26.39
N GLU A 544 -12.24 19.13 -25.18
CA GLU A 544 -12.18 20.18 -24.16
C GLU A 544 -11.53 19.79 -22.84
N MET A 545 -10.89 20.76 -22.21
CA MET A 545 -10.48 20.63 -20.83
C MET A 545 -11.39 21.57 -20.05
N PHE A 546 -11.23 21.64 -18.73
CA PHE A 546 -12.12 22.49 -17.98
C PHE A 546 -11.98 23.98 -18.30
N ARG A 547 -10.78 24.44 -18.63
CA ARG A 547 -10.61 25.86 -18.93
C ARG A 547 -10.59 26.15 -20.43
N LYS A 548 -9.67 25.51 -21.16
CA LYS A 548 -9.54 25.74 -22.60
C LYS A 548 -10.43 24.81 -23.38
N LEU A 549 -10.86 25.24 -24.55
CA LEU A 549 -11.43 24.32 -25.53
C LEU A 549 -10.32 24.08 -26.55
N LEU A 550 -10.32 22.92 -27.20
CA LEU A 550 -9.14 22.51 -27.96
C LEU A 550 -9.51 21.81 -29.26
N ASP A 551 -8.57 21.81 -30.20
CA ASP A 551 -8.78 21.13 -31.48
C ASP A 551 -8.00 19.83 -31.57
N GLU A 552 -7.01 19.67 -30.69
CA GLU A 552 -6.31 18.38 -30.54
C GLU A 552 -6.05 18.00 -29.09
N GLY A 553 -6.09 16.70 -28.81
CA GLY A 553 -5.68 16.16 -27.53
C GLY A 553 -4.41 15.35 -27.65
N ARG A 554 -3.37 15.71 -26.88
CA ARG A 554 -2.08 15.03 -26.93
C ARG A 554 -1.87 14.04 -25.77
N ALA A 555 -1.01 13.06 -25.99
CA ALA A 555 -0.79 12.04 -24.98
C ALA A 555 -0.39 12.62 -23.61
N GLY A 556 -1.09 12.16 -22.57
CA GLY A 556 -0.78 12.55 -21.20
C GLY A 556 -1.78 13.55 -20.67
N GLU A 557 -2.68 13.97 -21.54
CA GLU A 557 -3.63 15.02 -21.20
C GLU A 557 -5.01 14.47 -20.84
N ASN A 558 -5.55 14.92 -19.72
CA ASN A 558 -6.93 14.58 -19.36
C ASN A 558 -7.88 15.47 -20.13
N VAL A 559 -8.83 14.86 -20.84
CA VAL A 559 -9.72 15.63 -21.68
C VAL A 559 -11.11 15.05 -21.69
N GLY A 560 -12.01 15.81 -22.29
CA GLY A 560 -13.29 15.30 -22.72
C GLY A 560 -13.16 15.24 -24.22
N VAL A 561 -13.74 14.22 -24.84
CA VAL A 561 -13.77 14.16 -26.29
C VAL A 561 -15.20 13.93 -26.74
N LEU A 562 -15.63 14.75 -27.70
CA LEU A 562 -17.00 14.72 -28.17
C LEU A 562 -17.12 13.86 -29.41
N LEU A 563 -18.12 13.00 -29.42
CA LEU A 563 -18.36 12.07 -30.51
C LEU A 563 -19.71 12.38 -31.15
N ARG A 564 -19.91 11.92 -32.38
CA ARG A 564 -21.18 12.14 -33.07
C ARG A 564 -21.93 10.85 -33.35
N GLY A 565 -23.25 10.95 -33.37
CA GLY A 565 -24.10 9.84 -33.76
C GLY A 565 -24.20 8.76 -32.70
N ILE A 566 -23.22 8.69 -31.82
CA ILE A 566 -23.19 7.64 -30.82
C ILE A 566 -23.91 8.09 -29.56
N LYS A 567 -24.53 7.13 -28.87
CA LYS A 567 -25.33 7.41 -27.68
C LYS A 567 -24.67 6.85 -26.41
N ARG A 568 -25.06 7.37 -25.26
CA ARG A 568 -24.33 7.10 -24.03
C ARG A 568 -24.56 5.71 -23.45
N GLU A 569 -25.61 5.01 -23.86
CA GLU A 569 -25.79 3.63 -23.39
C GLU A 569 -25.08 2.65 -24.31
N GLU A 570 -24.39 3.21 -25.31
CA GLU A 570 -23.63 2.43 -26.28
C GLU A 570 -22.14 2.44 -25.95
N ILE A 571 -21.78 3.09 -24.84
CA ILE A 571 -20.40 3.16 -24.39
C ILE A 571 -20.30 2.81 -22.91
N GLU A 572 -19.29 2.01 -22.57
CA GLU A 572 -19.05 1.64 -21.18
C GLU A 572 -17.64 2.08 -20.78
N ARG A 573 -17.49 2.39 -19.50
CA ARG A 573 -16.17 2.53 -18.92
C ARG A 573 -15.44 1.22 -19.17
N GLY A 574 -14.17 1.30 -19.51
CA GLY A 574 -13.37 0.11 -19.71
C GLY A 574 -13.05 -0.06 -21.18
N GLN A 575 -13.90 0.51 -22.03
CA GLN A 575 -13.63 0.53 -23.45
C GLN A 575 -12.55 1.54 -23.72
N VAL A 576 -11.94 1.46 -24.89
CA VAL A 576 -11.02 2.52 -25.27
C VAL A 576 -11.50 3.21 -26.53
N LEU A 577 -10.93 4.39 -26.75
CA LEU A 577 -11.18 5.15 -27.92
C LEU A 577 -9.84 5.13 -28.65
N ALA A 578 -9.82 4.67 -29.89
CA ALA A 578 -8.55 4.60 -30.61
C ALA A 578 -8.70 4.87 -32.08
N LYS A 579 -7.57 5.15 -32.73
CA LYS A 579 -7.54 5.23 -34.18
C LYS A 579 -7.93 3.86 -34.74
N PRO A 580 -8.74 3.87 -35.81
CA PRO A 580 -9.36 2.65 -36.35
C PRO A 580 -8.39 1.55 -36.80
N GLY A 581 -8.55 0.35 -36.22
CA GLY A 581 -7.75 -0.81 -36.57
C GLY A 581 -6.47 -0.96 -35.76
N THR A 582 -6.17 0.03 -34.93
CA THR A 582 -4.90 0.04 -34.23
C THR A 582 -4.91 -0.92 -33.05
N ILE A 583 -6.09 -1.05 -32.46
CA ILE A 583 -6.32 -1.94 -31.32
C ILE A 583 -7.57 -2.79 -31.53
N LYS A 584 -7.49 -4.06 -31.17
CA LYS A 584 -8.61 -4.98 -31.37
C LYS A 584 -8.99 -5.65 -30.06
N PRO A 585 -10.24 -6.13 -29.95
CA PRO A 585 -10.78 -6.74 -28.73
C PRO A 585 -10.42 -8.21 -28.58
N HIS A 586 -9.88 -8.59 -27.45
CA HIS A 586 -9.56 -10.00 -27.27
C HIS A 586 -10.02 -10.55 -25.93
N THR A 587 -10.13 -11.88 -25.87
CA THR A 587 -10.72 -12.56 -24.73
C THR A 587 -9.75 -13.59 -24.14
N LYS A 588 -8.89 -14.14 -24.98
CA LYS A 588 -7.93 -15.13 -24.51
C LYS A 588 -6.52 -14.66 -24.79
N PHE A 589 -5.63 -14.88 -23.84
CA PHE A 589 -4.24 -14.50 -23.97
C PHE A 589 -3.42 -15.26 -22.95
N GLU A 590 -2.15 -15.47 -23.26
CA GLU A 590 -1.25 -16.01 -22.26
C GLU A 590 -0.45 -14.86 -21.68
N SER A 591 0.02 -15.01 -20.45
CA SER A 591 0.67 -13.90 -19.81
C SER A 591 1.65 -14.34 -18.74
N GLU A 592 2.48 -13.41 -18.31
CA GLU A 592 3.41 -13.64 -17.23
C GLU A 592 2.95 -12.77 -16.10
N VAL A 593 2.73 -13.36 -14.94
CA VAL A 593 2.16 -12.61 -13.84
C VAL A 593 2.97 -12.84 -12.60
N TYR A 594 2.82 -11.94 -11.64
CA TYR A 594 3.47 -12.10 -10.37
C TYR A 594 2.35 -12.07 -9.33
N ILE A 595 2.35 -13.03 -8.41
CA ILE A 595 1.40 -13.00 -7.31
C ILE A 595 2.05 -12.36 -6.08
N LEU A 596 1.52 -11.23 -5.61
CA LEU A 596 2.05 -10.58 -4.42
C LEU A 596 2.05 -11.50 -3.22
N SER A 597 2.96 -11.24 -2.30
CA SER A 597 3.06 -12.02 -1.08
C SER A 597 2.15 -11.51 0.02
N LYS A 598 2.14 -12.23 1.15
CA LYS A 598 1.45 -11.71 2.31
C LYS A 598 2.00 -10.31 2.61
N ASP A 599 3.32 -10.17 2.55
CA ASP A 599 3.96 -8.88 2.80
C ASP A 599 3.32 -7.77 2.01
N GLU A 600 3.43 -7.86 0.69
CA GLU A 600 2.99 -6.79 -0.19
C GLU A 600 1.48 -6.55 -0.18
N GLY A 601 0.77 -7.22 0.73
CA GLY A 601 -0.67 -7.07 0.86
C GLY A 601 -1.49 -7.96 -0.05
N GLY A 602 -0.86 -9.04 -0.55
CA GLY A 602 -1.51 -9.97 -1.44
C GLY A 602 -2.32 -10.98 -0.66
N ARG A 603 -2.52 -12.15 -1.25
CA ARG A 603 -3.18 -13.24 -0.55
C ARG A 603 -2.23 -13.76 0.48
N HIS A 604 -2.71 -14.63 1.36
CA HIS A 604 -1.83 -15.28 2.32
C HIS A 604 -2.00 -16.79 2.21
N THR A 605 -2.93 -17.22 1.37
CA THR A 605 -3.05 -18.64 1.01
C THR A 605 -2.86 -18.86 -0.49
N PRO A 606 -2.40 -20.05 -0.86
CA PRO A 606 -2.16 -20.35 -2.27
C PRO A 606 -3.48 -20.53 -2.98
N PHE A 607 -3.44 -20.56 -4.30
CA PHE A 607 -4.61 -20.95 -5.08
C PHE A 607 -4.23 -22.15 -5.96
N PHE A 608 -5.19 -22.65 -6.75
CA PHE A 608 -4.97 -23.86 -7.53
C PHE A 608 -5.63 -23.80 -8.88
N LYS A 609 -6.05 -24.95 -9.38
CA LYS A 609 -6.47 -25.09 -10.77
C LYS A 609 -7.44 -24.04 -11.28
N GLY A 610 -8.54 -23.81 -10.57
CA GLY A 610 -9.59 -22.94 -11.10
C GLY A 610 -9.69 -21.53 -10.54
N TYR A 611 -8.56 -20.88 -10.34
CA TYR A 611 -8.57 -19.53 -9.79
C TYR A 611 -9.41 -18.65 -10.71
N ARG A 612 -10.34 -17.90 -10.11
CA ARG A 612 -11.28 -17.08 -10.89
C ARG A 612 -11.43 -15.68 -10.32
N PRO A 613 -10.39 -14.85 -10.45
CA PRO A 613 -10.33 -13.50 -9.86
C PRO A 613 -10.77 -12.41 -10.83
N GLN A 614 -10.48 -11.16 -10.49
CA GLN A 614 -10.72 -10.03 -11.38
C GLN A 614 -9.45 -9.53 -12.04
N PHE A 615 -9.48 -9.38 -13.36
CA PHE A 615 -8.39 -8.72 -14.05
C PHE A 615 -8.77 -7.29 -14.41
N TYR A 616 -8.07 -6.36 -13.78
CA TYR A 616 -8.29 -4.94 -14.00
C TYR A 616 -7.44 -4.45 -15.14
N PHE A 617 -8.06 -3.91 -16.19
CA PHE A 617 -7.23 -3.43 -17.30
C PHE A 617 -6.73 -1.96 -17.32
N ARG A 618 -7.43 -1.07 -18.01
CA ARG A 618 -6.93 0.28 -17.94
C ARG A 618 -7.78 1.02 -16.90
N THR A 619 -9.06 0.66 -16.81
CA THR A 619 -9.99 1.33 -15.91
C THR A 619 -11.09 0.44 -15.36
N THR A 620 -11.08 -0.85 -15.66
CA THR A 620 -12.15 -1.71 -15.13
C THR A 620 -11.79 -3.18 -14.83
N ASP A 621 -12.49 -3.78 -13.88
CA ASP A 621 -12.28 -5.18 -13.57
C ASP A 621 -12.99 -6.02 -14.62
N VAL A 622 -12.46 -7.19 -14.93
CA VAL A 622 -13.27 -8.15 -15.65
C VAL A 622 -12.88 -9.54 -15.22
N THR A 623 -13.89 -10.38 -15.01
CA THR A 623 -13.68 -11.73 -14.51
C THR A 623 -13.00 -12.61 -15.54
N GLY A 624 -12.17 -13.52 -15.07
CA GLY A 624 -11.50 -14.42 -15.97
C GLY A 624 -11.12 -15.70 -15.27
N THR A 625 -10.99 -16.76 -16.05
CA THR A 625 -10.45 -18.01 -15.54
C THR A 625 -9.07 -18.19 -16.16
N ILE A 626 -8.22 -18.94 -15.44
CA ILE A 626 -6.85 -19.19 -15.87
C ILE A 626 -6.66 -20.68 -16.06
N GLU A 627 -5.55 -21.05 -16.70
CA GLU A 627 -5.06 -22.43 -16.67
C GLU A 627 -3.55 -22.39 -16.44
N LEU A 628 -3.07 -23.19 -15.50
CA LEU A 628 -1.64 -23.17 -15.18
C LEU A 628 -0.81 -23.89 -16.24
N PRO A 629 0.49 -23.59 -16.28
CA PRO A 629 1.29 -24.28 -17.30
C PRO A 629 1.47 -25.75 -16.93
N GLU A 630 2.25 -26.45 -17.74
CA GLU A 630 2.43 -27.89 -17.58
C GLU A 630 3.06 -28.31 -16.24
N GLY A 631 2.32 -29.08 -15.45
CA GLY A 631 2.87 -29.67 -14.25
C GLY A 631 2.92 -28.77 -13.03
N VAL A 632 2.28 -27.62 -13.09
CA VAL A 632 2.16 -26.80 -11.89
C VAL A 632 0.72 -26.89 -11.42
N GLU A 633 0.51 -26.98 -10.11
CA GLU A 633 -0.87 -27.15 -9.62
C GLU A 633 -1.15 -26.42 -8.31
N MET A 634 -0.18 -25.68 -7.81
CA MET A 634 -0.41 -24.76 -6.72
C MET A 634 0.40 -23.49 -6.98
N VAL A 635 -0.08 -22.36 -6.45
CA VAL A 635 0.61 -21.09 -6.61
C VAL A 635 0.55 -20.37 -5.29
N MET A 636 1.71 -19.93 -4.81
CA MET A 636 1.77 -19.27 -3.52
C MET A 636 2.05 -17.79 -3.66
N PRO A 637 1.53 -17.00 -2.71
CA PRO A 637 1.90 -15.58 -2.71
C PRO A 637 3.41 -15.50 -2.90
N GLY A 638 3.86 -14.46 -3.59
CA GLY A 638 5.27 -14.28 -3.75
C GLY A 638 5.87 -14.78 -5.06
N ASP A 639 5.19 -15.66 -5.79
CA ASP A 639 5.90 -16.23 -6.93
C ASP A 639 5.43 -15.89 -8.37
N ASN A 640 6.30 -16.19 -9.33
CA ASN A 640 6.03 -15.88 -10.74
C ASN A 640 5.35 -17.03 -11.41
N ILE A 641 4.62 -16.74 -12.47
CA ILE A 641 3.97 -17.79 -13.19
C ILE A 641 3.47 -17.30 -14.52
N LYS A 642 3.51 -18.20 -15.48
CA LYS A 642 2.87 -17.95 -16.75
C LYS A 642 1.51 -18.60 -16.65
N MET A 643 0.47 -17.89 -17.07
CA MET A 643 -0.85 -18.48 -17.10
C MET A 643 -1.61 -18.03 -18.33
N VAL A 644 -2.48 -18.89 -18.83
CA VAL A 644 -3.35 -18.55 -19.92
C VAL A 644 -4.66 -18.10 -19.34
N VAL A 645 -4.96 -16.81 -19.53
CA VAL A 645 -6.13 -16.20 -18.94
C VAL A 645 -7.18 -16.13 -19.99
N THR A 646 -8.41 -16.46 -19.62
CA THR A 646 -9.52 -16.22 -20.53
C THR A 646 -10.67 -15.46 -19.83
N LEU A 647 -11.04 -14.33 -20.43
CA LEU A 647 -11.97 -13.36 -19.84
C LEU A 647 -13.42 -13.63 -20.18
N ILE A 648 -14.31 -13.18 -19.29
CA ILE A 648 -15.75 -13.33 -19.51
C ILE A 648 -16.22 -12.60 -20.77
N HIS A 649 -15.71 -11.39 -21.01
CA HIS A 649 -15.95 -10.74 -22.31
C HIS A 649 -14.75 -9.86 -22.67
N PRO A 650 -14.68 -9.40 -23.94
CA PRO A 650 -13.43 -8.91 -24.51
C PRO A 650 -12.96 -7.58 -23.95
N ILE A 651 -11.69 -7.27 -24.21
CA ILE A 651 -11.08 -6.04 -23.80
C ILE A 651 -10.09 -5.71 -24.90
N ALA A 652 -9.97 -4.44 -25.26
CA ALA A 652 -8.97 -4.05 -26.25
C ALA A 652 -7.57 -4.31 -25.70
N MET A 653 -6.75 -5.05 -26.45
CA MET A 653 -5.39 -5.39 -25.99
C MET A 653 -4.47 -5.82 -27.13
N ASP A 654 -3.19 -5.42 -27.03
CA ASP A 654 -2.13 -6.09 -27.78
C ASP A 654 -0.99 -6.47 -26.82
N ASP A 655 -0.01 -7.22 -27.32
CA ASP A 655 1.18 -7.54 -26.54
C ASP A 655 1.68 -6.35 -25.75
N GLY A 656 2.12 -6.60 -24.53
CA GLY A 656 2.81 -5.59 -23.74
C GLY A 656 1.95 -4.97 -22.69
N LEU A 657 0.64 -5.14 -22.81
CA LEU A 657 -0.33 -4.44 -21.96
C LEU A 657 -0.36 -4.91 -20.49
N ARG A 658 -0.08 -4.00 -19.57
CA ARG A 658 -0.05 -4.34 -18.16
C ARG A 658 -1.44 -4.46 -17.56
N PHE A 659 -1.57 -5.30 -16.55
CA PHE A 659 -2.83 -5.47 -15.86
C PHE A 659 -2.62 -5.94 -14.43
N ALA A 660 -3.55 -5.58 -13.56
CA ALA A 660 -3.45 -5.99 -12.18
C ALA A 660 -4.41 -7.16 -11.98
N ILE A 661 -4.29 -7.84 -10.84
CA ILE A 661 -5.20 -8.93 -10.54
C ILE A 661 -5.84 -8.58 -9.22
N ARG A 662 -7.16 -8.71 -9.13
CA ARG A 662 -7.84 -8.24 -7.94
C ARG A 662 -8.87 -9.20 -7.37
N GLU A 663 -9.09 -9.09 -6.07
CA GLU A 663 -10.20 -9.75 -5.41
C GLU A 663 -10.95 -8.72 -4.58
N GLY A 664 -12.19 -8.43 -4.97
CA GLY A 664 -12.95 -7.38 -4.33
C GLY A 664 -12.17 -6.08 -4.14
N GLY A 665 -11.51 -5.62 -5.19
CA GLY A 665 -10.78 -4.37 -5.09
C GLY A 665 -9.48 -4.40 -4.29
N ARG A 666 -9.03 -5.60 -3.91
CA ARG A 666 -7.70 -5.78 -3.34
C ARG A 666 -6.78 -6.28 -4.43
N THR A 667 -5.56 -5.77 -4.46
CA THR A 667 -4.62 -6.15 -5.48
C THR A 667 -3.76 -7.33 -5.03
N VAL A 668 -3.73 -8.39 -5.82
CA VAL A 668 -3.05 -9.57 -5.39
C VAL A 668 -2.03 -10.05 -6.41
N GLY A 669 -1.91 -9.33 -7.52
CA GLY A 669 -0.98 -9.73 -8.55
C GLY A 669 -0.84 -8.69 -9.65
N ALA A 670 0.28 -8.74 -10.36
CA ALA A 670 0.46 -7.93 -11.56
C ALA A 670 0.63 -8.87 -12.76
N GLY A 671 0.42 -8.35 -13.96
CA GLY A 671 0.52 -9.17 -15.14
C GLY A 671 0.92 -8.39 -16.38
N VAL A 672 1.35 -9.12 -17.40
CA VAL A 672 1.67 -8.53 -18.69
C VAL A 672 1.22 -9.51 -19.75
N VAL A 673 0.35 -9.08 -20.66
CA VAL A 673 -0.01 -9.93 -21.77
C VAL A 673 1.23 -10.34 -22.58
N ALA A 674 1.38 -11.64 -22.84
CA ALA A 674 2.51 -12.10 -23.63
C ALA A 674 2.13 -12.25 -25.10
N LYS A 675 1.13 -13.09 -25.35
CA LYS A 675 0.63 -13.36 -26.69
C LYS A 675 -0.90 -13.43 -26.61
N VAL A 676 -1.60 -12.67 -27.45
CA VAL A 676 -3.05 -12.82 -27.52
C VAL A 676 -3.38 -14.04 -28.34
N LEU A 677 -4.39 -14.78 -27.91
CA LEU A 677 -4.73 -16.05 -28.51
C LEU A 677 -6.03 -15.94 -29.31
N SER A 678 -6.67 -17.06 -29.61
CA SER A 678 -7.85 -17.03 -30.47
C SER A 678 -9.20 -17.05 -29.73
N GLY A 679 -9.25 -17.71 -28.57
CA GLY A 679 -10.44 -17.65 -27.73
C GLY A 679 -11.71 -18.20 -28.35
N ALA A 680 -11.59 -19.34 -29.02
CA ALA A 680 -12.73 -19.99 -29.67
C ALA A 680 -13.60 -20.73 -28.66
N SER A 700 -19.24 -21.19 -3.92
CA SER A 700 -19.88 -20.37 -4.96
C SER A 700 -20.71 -19.21 -4.36
N SER A 701 -22.04 -19.27 -4.57
CA SER A 701 -23.02 -18.44 -3.84
C SER A 701 -24.47 -18.87 -4.13
N ARG A 702 -25.30 -18.87 -3.10
CA ARG A 702 -26.69 -19.34 -3.20
C ARG A 702 -27.74 -18.21 -3.20
N ASN A 703 -28.86 -18.45 -3.88
CA ASN A 703 -29.92 -17.44 -4.03
C ASN A 703 -30.93 -17.43 -2.87
N SER A 704 -31.48 -18.60 -2.54
CA SER A 704 -32.37 -18.71 -1.39
C SER A 704 -31.62 -18.31 -0.13
N LEU A 705 -30.31 -18.58 -0.12
CA LEU A 705 -29.45 -18.24 1.01
C LEU A 705 -29.34 -16.72 1.17
N SER A 706 -29.21 -16.00 0.06
CA SER A 706 -29.28 -14.55 0.13
C SER A 706 -30.68 -14.13 0.58
N ALA A 707 -31.70 -14.85 0.12
CA ALA A 707 -33.10 -14.52 0.39
C ALA A 707 -33.42 -14.72 1.85
N GLN A 708 -32.88 -15.79 2.40
CA GLN A 708 -33.00 -16.08 3.80
C GLN A 708 -32.38 -14.97 4.65
N LEU A 709 -31.20 -14.52 4.25
CA LEU A 709 -30.46 -13.53 5.02
C LEU A 709 -31.08 -12.15 4.88
N ARG A 710 -31.56 -11.84 3.68
CA ARG A 710 -32.22 -10.59 3.38
C ARG A 710 -33.45 -10.46 4.28
N ARG A 711 -34.18 -11.55 4.41
CA ARG A 711 -35.42 -11.55 5.16
C ARG A 711 -35.10 -11.31 6.62
N ALA A 712 -34.11 -12.04 7.13
CA ALA A 712 -33.59 -11.88 8.49
C ALA A 712 -33.09 -10.46 8.74
N ALA A 713 -32.32 -9.95 7.78
CA ALA A 713 -31.80 -8.61 7.89
C ALA A 713 -32.89 -7.54 8.00
N ASN A 714 -34.02 -7.73 7.31
CA ASN A 714 -35.09 -6.73 7.37
C ASN A 714 -36.04 -6.97 8.52
N THR A 715 -35.61 -7.79 9.44
CA THR A 715 -36.43 -8.13 10.55
C THR A 715 -36.24 -7.06 11.62
N ARG A 716 -37.12 -7.00 12.61
CA ARG A 716 -36.86 -6.10 13.71
C ARG A 716 -36.48 -6.90 14.92
N ILE A 717 -35.31 -6.62 15.48
CA ILE A 717 -35.07 -7.17 16.81
C ILE A 717 -36.04 -6.38 17.66
N GLU A 718 -36.85 -7.06 18.44
CA GLU A 718 -37.75 -6.32 19.31
C GLU A 718 -37.71 -6.87 20.73
N VAL A 719 -37.57 -5.97 21.69
CA VAL A 719 -37.48 -6.35 23.10
C VAL A 719 -38.16 -5.29 23.89
N GLU A 720 -38.32 -5.56 25.17
CA GLU A 720 -38.95 -4.63 26.10
C GLU A 720 -37.94 -3.61 26.60
N GLY A 721 -38.41 -2.41 26.87
CA GLY A 721 -37.55 -1.37 27.39
C GLY A 721 -36.42 -0.93 26.47
N ASN A 722 -35.32 -0.50 27.09
CA ASN A 722 -34.22 0.12 26.36
C ASN A 722 -33.05 -0.85 26.29
N LEU A 723 -32.81 -1.34 25.08
CA LEU A 723 -31.91 -2.46 24.89
C LEU A 723 -30.49 -1.99 25.14
N ALA A 724 -30.14 -0.87 24.53
CA ALA A 724 -28.83 -0.27 24.75
C ALA A 724 -28.53 -0.26 26.24
N LEU A 725 -29.46 0.26 27.04
CA LEU A 725 -29.24 0.33 28.47
C LEU A 725 -28.99 -1.05 29.05
N SER A 726 -29.79 -2.02 28.65
CA SER A 726 -29.71 -3.34 29.27
C SER A 726 -28.35 -3.93 29.01
N ILE A 727 -27.87 -3.72 27.79
CA ILE A 727 -26.54 -4.18 27.41
C ILE A 727 -25.45 -3.49 28.26
N ALA A 728 -25.40 -2.17 28.24
CA ALA A 728 -24.46 -1.46 29.13
C ALA A 728 -24.53 -1.99 30.56
N ASN A 729 -25.74 -2.12 31.11
CA ASN A 729 -25.88 -2.65 32.47
C ASN A 729 -25.43 -4.10 32.66
N ASP A 730 -25.64 -4.98 31.70
CA ASP A 730 -25.16 -6.35 31.88
C ASP A 730 -23.65 -6.34 31.82
N LEU A 731 -23.11 -5.33 31.15
CA LEU A 731 -21.67 -5.18 31.03
C LEU A 731 -21.09 -4.69 32.35
N LEU A 732 -21.60 -3.56 32.84
CA LEU A 732 -21.21 -3.05 34.17
C LEU A 732 -21.24 -4.16 35.23
N LEU A 733 -22.27 -5.00 35.16
CA LEU A 733 -22.44 -6.09 36.11
C LEU A 733 -21.36 -7.14 35.96
N ALA A 734 -21.03 -7.52 34.73
CA ALA A 734 -20.00 -8.53 34.50
C ALA A 734 -18.58 -8.05 34.86
N TYR A 735 -18.39 -6.76 34.98
CA TYR A 735 -17.12 -6.24 35.45
C TYR A 735 -17.22 -5.90 36.94
N GLY A 736 -18.32 -6.33 37.54
CA GLY A 736 -18.58 -6.08 38.94
C GLY A 736 -18.55 -4.62 39.31
N GLN A 737 -19.35 -3.81 38.61
CA GLN A 737 -19.50 -2.39 38.93
C GLN A 737 -20.96 -2.12 39.03
N SER A 738 -21.35 -1.19 39.89
CA SER A 738 -22.77 -0.91 40.10
C SER A 738 -23.42 -0.40 38.81
N PRO A 739 -24.56 -0.98 38.44
CA PRO A 739 -25.29 -0.64 37.20
C PRO A 739 -25.94 0.74 37.24
N PHE A 740 -26.41 1.19 36.08
CA PHE A 740 -27.07 2.49 36.01
C PHE A 740 -28.44 2.42 36.65
N ASN A 741 -28.56 3.16 37.75
CA ASN A 741 -29.82 3.34 38.47
C ASN A 741 -30.98 3.71 37.55
N SER A 742 -30.71 4.59 36.60
CA SER A 742 -31.77 5.18 35.76
C SER A 742 -31.18 5.79 34.50
N GLU A 743 -32.04 6.18 33.57
CA GLU A 743 -31.60 6.87 32.36
C GLU A 743 -30.78 8.10 32.77
N ALA A 744 -31.22 8.76 33.83
CA ALA A 744 -30.55 9.94 34.39
C ALA A 744 -29.06 9.72 34.73
N GLU A 745 -28.73 8.56 35.29
CA GLU A 745 -27.35 8.29 35.69
C GLU A 745 -26.40 8.07 34.52
N CYS A 746 -26.86 7.43 33.45
CA CYS A 746 -26.04 7.19 32.27
C CYS A 746 -25.22 8.41 31.82
N ILE A 747 -25.75 9.60 32.05
CA ILE A 747 -25.19 10.80 31.43
C ILE A 747 -24.63 11.78 32.44
N SER A 748 -24.51 11.34 33.69
CA SER A 748 -24.05 12.21 34.75
C SER A 748 -23.09 11.50 35.69
N PHE A 749 -22.34 10.54 35.16
CA PHE A 749 -21.38 9.78 35.96
C PHE A 749 -19.93 10.10 35.58
N SER A 750 -19.12 10.44 36.59
CA SER A 750 -17.72 10.78 36.35
C SER A 750 -16.81 9.68 36.83
N PRO A 751 -15.82 9.33 36.02
CA PRO A 751 -14.90 8.24 36.36
C PRO A 751 -13.90 8.67 37.42
N ARG A 752 -13.39 7.72 38.18
CA ARG A 752 -12.31 7.99 39.11
C ARG A 752 -10.99 7.87 38.35
N PHE A 753 -10.22 8.95 38.29
CA PHE A 753 -8.95 8.94 37.57
C PHE A 753 -7.82 8.38 38.39
N ASP A 754 -7.96 7.11 38.79
CA ASP A 754 -6.95 6.38 39.55
C ASP A 754 -7.34 4.91 39.64
N GLY A 755 -6.68 4.18 40.53
CA GLY A 755 -6.86 2.74 40.52
C GLY A 755 -6.13 2.21 39.29
N THR A 756 -6.18 0.89 39.13
CA THR A 756 -5.43 0.21 38.08
C THR A 756 -5.97 0.52 36.69
N PRO A 757 -5.15 0.29 35.66
CA PRO A 757 -5.67 0.47 34.30
C PRO A 757 -6.98 -0.30 34.09
N ASP A 758 -7.04 -1.56 34.53
CA ASP A 758 -8.24 -2.35 34.36
C ASP A 758 -9.42 -1.68 35.05
N ASP A 759 -9.28 -1.40 36.33
CA ASP A 759 -10.33 -0.79 37.10
C ASP A 759 -10.80 0.51 36.42
N PHE A 760 -9.86 1.29 35.89
CA PHE A 760 -10.22 2.57 35.25
C PHE A 760 -10.91 2.39 33.90
N ARG A 761 -10.49 1.36 33.16
CA ARG A 761 -10.96 1.19 31.80
C ARG A 761 -12.48 0.99 31.73
N ILE A 762 -13.00 0.14 32.59
CA ILE A 762 -14.41 -0.16 32.61
C ILE A 762 -15.15 1.00 33.26
N ASN A 763 -14.42 1.76 34.05
CA ASN A 763 -14.99 2.87 34.76
C ASN A 763 -15.20 4.00 33.77
N TYR A 764 -14.25 4.10 32.83
CA TYR A 764 -14.29 5.11 31.79
C TYR A 764 -15.35 4.75 30.79
N LEU A 765 -15.40 3.48 30.46
CA LEU A 765 -16.49 3.04 29.59
C LEU A 765 -17.85 3.39 30.22
N LYS A 766 -17.99 3.12 31.52
CA LYS A 766 -19.25 3.45 32.18
C LYS A 766 -19.64 4.92 31.99
N ALA A 767 -18.66 5.81 32.07
CA ALA A 767 -18.97 7.22 31.92
C ALA A 767 -19.27 7.63 30.47
N GLU A 768 -18.64 6.98 29.50
CA GLU A 768 -18.84 7.40 28.11
C GLU A 768 -19.94 6.63 27.35
N ILE A 769 -20.07 5.33 27.60
CA ILE A 769 -20.90 4.46 26.74
C ILE A 769 -22.33 4.91 26.41
N MET A 770 -23.04 5.54 27.34
CA MET A 770 -24.37 5.98 27.03
C MET A 770 -24.43 7.48 26.80
N SER A 771 -23.27 8.13 26.78
CA SER A 771 -23.25 9.59 26.84
C SER A 771 -23.74 10.29 25.58
N LYS A 772 -23.84 9.56 24.48
CA LYS A 772 -24.32 10.17 23.23
C LYS A 772 -25.62 9.53 22.73
N TYR A 773 -26.28 8.77 23.58
CA TYR A 773 -27.50 8.07 23.20
C TYR A 773 -28.61 9.08 22.94
N ASP A 774 -29.27 8.97 21.80
CA ASP A 774 -30.23 10.00 21.38
C ASP A 774 -31.69 9.72 21.69
N ASP A 775 -31.95 8.62 22.39
CA ASP A 775 -33.32 8.20 22.59
C ASP A 775 -33.77 8.20 24.03
N PHE A 776 -33.34 9.17 24.82
CA PHE A 776 -33.74 9.21 26.21
C PHE A 776 -35.03 9.98 26.32
N SER A 777 -36.12 9.32 26.65
CA SER A 777 -37.34 10.05 26.96
C SER A 777 -37.07 10.92 28.17
N LEU A 778 -36.67 10.27 29.25
CA LEU A 778 -36.47 10.92 30.54
C LEU A 778 -35.46 12.09 30.49
N GLY A 779 -36.04 13.26 30.27
CA GLY A 779 -35.32 14.52 30.27
C GLY A 779 -36.04 15.43 29.31
N ILE A 780 -36.34 16.64 29.78
CA ILE A 780 -36.78 17.73 28.91
C ILE A 780 -35.54 18.23 28.16
N ASP A 781 -34.68 17.28 27.80
CA ASP A 781 -33.44 17.61 27.18
C ASP A 781 -33.74 18.17 25.81
N THR A 782 -32.73 18.70 25.12
CA THR A 782 -33.05 19.48 23.95
C THR A 782 -31.85 19.83 23.01
N GLU A 783 -31.88 21.09 22.56
CA GLU A 783 -31.10 21.66 21.48
C GLU A 783 -31.39 23.15 21.61
N ALA A 784 -32.35 23.47 22.46
CA ALA A 784 -32.49 24.82 22.93
C ALA A 784 -31.17 25.17 23.61
N VAL A 785 -30.61 24.20 24.32
CA VAL A 785 -29.33 24.45 24.98
C VAL A 785 -28.19 24.70 23.97
N ALA A 786 -28.23 24.03 22.81
CA ALA A 786 -27.22 24.21 21.81
C ALA A 786 -27.18 25.65 21.32
N TRP A 787 -28.35 26.27 21.19
CA TRP A 787 -28.46 27.67 20.76
C TRP A 787 -28.04 28.63 21.86
N GLU A 788 -28.31 28.26 23.11
CA GLU A 788 -27.90 29.11 24.22
C GLU A 788 -26.40 29.17 24.20
N LYS A 789 -25.82 27.99 24.00
CA LYS A 789 -24.39 27.80 23.92
C LYS A 789 -23.88 28.70 22.81
N PHE A 790 -24.60 28.62 21.70
CA PHE A 790 -24.22 29.34 20.51
C PHE A 790 -24.30 30.86 20.72
N LEU A 791 -25.32 31.32 21.44
CA LEU A 791 -25.46 32.72 21.76
C LEU A 791 -24.41 33.19 22.80
N ALA A 792 -24.05 32.29 23.70
CA ALA A 792 -23.00 32.55 24.69
C ALA A 792 -21.66 32.81 24.02
N ALA A 793 -21.34 32.01 23.00
CA ALA A 793 -20.10 32.16 22.27
C ALA A 793 -20.05 33.49 21.55
N GLU A 794 -21.10 33.81 20.82
CA GLU A 794 -21.16 35.10 20.14
C GLU A 794 -20.91 36.24 21.10
N ALA A 795 -21.51 36.18 22.29
CA ALA A 795 -21.41 37.30 23.21
C ALA A 795 -19.99 37.39 23.77
N GLU A 796 -19.35 36.24 23.83
CA GLU A 796 -17.98 36.16 24.24
C GLU A 796 -17.10 36.85 23.20
N CYS A 797 -17.35 36.59 21.91
CA CYS A 797 -16.59 37.27 20.88
C CYS A 797 -16.86 38.77 20.88
N ALA A 798 -18.05 39.13 21.32
CA ALA A 798 -18.41 40.51 21.34
C ALA A 798 -17.51 41.23 22.35
N LEU A 799 -17.34 40.65 23.53
CA LEU A 799 -16.47 41.23 24.55
C LEU A 799 -15.03 41.36 24.09
N THR A 800 -14.46 40.26 23.63
CA THR A 800 -13.07 40.26 23.23
C THR A 800 -12.88 41.10 21.96
N ASN A 801 -13.92 41.21 21.15
CA ASN A 801 -13.88 42.16 20.03
C ASN A 801 -13.75 43.60 20.51
N ALA A 802 -14.57 43.99 21.47
CA ALA A 802 -14.45 45.29 22.10
C ALA A 802 -13.05 45.46 22.65
N ARG A 803 -12.63 44.52 23.48
CA ARG A 803 -11.39 44.62 24.24
C ARG A 803 -10.14 44.72 23.40
N LEU A 804 -10.01 43.83 22.42
CA LEU A 804 -8.77 43.79 21.65
C LEU A 804 -8.58 45.02 20.75
N TYR A 805 -9.67 45.67 20.39
CA TYR A 805 -9.60 46.93 19.64
C TYR A 805 -9.65 48.16 20.56
N ARG A 806 -9.02 48.09 21.73
CA ARG A 806 -9.11 49.18 22.72
C ARG A 806 -7.98 49.17 23.73
N PRO A 807 -6.97 48.29 23.52
CA PRO A 807 -6.00 47.96 24.57
C PRO A 807 -5.09 49.14 24.91
N ASP A 808 -5.52 50.35 24.56
CA ASP A 808 -4.85 51.56 25.01
C ASP A 808 -5.18 51.81 26.48
N TYR A 809 -4.48 51.08 27.36
CA TYR A 809 -4.52 51.35 28.79
C TYR A 809 -3.84 52.70 29.05
N SER A 810 -3.26 53.27 27.99
CA SER A 810 -2.64 54.60 28.02
C SER A 810 -1.50 54.62 29.03
N GLU A 811 -0.92 53.45 29.26
CA GLU A 811 0.11 53.29 30.28
C GLU A 811 1.04 52.13 29.94
N ASP A 812 2.16 52.45 29.31
CA ASP A 812 3.19 51.46 28.95
C ASP A 812 3.68 50.71 30.20
N PHE A 813 3.65 51.40 31.34
CA PHE A 813 3.96 50.81 32.66
C PHE A 813 3.80 49.29 32.62
N ASN A 814 2.61 48.84 32.20
CA ASN A 814 2.21 47.45 32.31
C ASN A 814 2.37 46.58 31.06
N PHE A 815 3.07 45.46 31.23
CA PHE A 815 3.27 44.52 30.14
C PHE A 815 2.60 43.17 30.45
N SER A 816 2.04 42.57 29.40
CA SER A 816 1.10 41.46 29.51
C SER A 816 1.55 40.22 28.71
N LEU A 817 1.32 39.04 29.27
CA LEU A 817 1.70 37.81 28.56
C LEU A 817 0.89 37.64 27.26
N GLY A 818 -0.42 37.81 27.35
CA GLY A 818 -1.28 37.69 26.18
C GLY A 818 -0.88 38.63 25.05
N GLU A 819 -0.72 39.91 25.36
CA GLU A 819 -0.24 40.88 24.39
C GLU A 819 1.04 40.36 23.76
N SER A 820 1.97 39.93 24.60
CA SER A 820 3.24 39.46 24.11
C SER A 820 3.11 38.31 23.12
N CYS A 821 2.27 37.33 23.47
CA CYS A 821 2.06 36.19 22.58
C CYS A 821 1.43 36.53 21.24
N ILE A 822 0.42 37.40 21.26
CA ILE A 822 -0.15 37.87 20.01
C ILE A 822 0.92 38.48 19.11
N HIS A 823 1.79 39.33 19.68
CA HIS A 823 2.88 39.93 18.91
C HIS A 823 3.82 38.88 18.35
N MET A 824 4.22 37.93 19.19
CA MET A 824 5.14 36.91 18.72
C MET A 824 4.46 36.01 17.67
N ALA A 825 3.20 35.70 17.89
CA ALA A 825 2.50 34.79 17.03
C ALA A 825 2.32 35.42 15.66
N ARG A 826 2.04 36.73 15.63
CA ARG A 826 1.78 37.40 14.39
C ARG A 826 2.98 37.21 13.48
N ARG A 827 4.14 37.45 14.06
CA ARG A 827 5.40 37.50 13.30
C ARG A 827 5.76 36.11 12.73
N LYS A 828 5.50 35.08 13.52
CA LYS A 828 5.72 33.70 13.08
C LYS A 828 4.71 33.39 11.97
N ILE A 829 3.44 33.68 12.21
CA ILE A 829 2.42 33.39 11.22
C ILE A 829 2.76 33.98 9.84
N ALA A 830 3.23 35.22 9.80
CA ALA A 830 3.49 35.87 8.51
C ALA A 830 4.61 35.15 7.78
N LYS A 831 5.59 34.67 8.55
CA LYS A 831 6.72 33.97 7.97
C LYS A 831 6.30 32.67 7.31
N LEU A 832 5.31 32.01 7.93
CA LEU A 832 4.74 30.75 7.46
C LEU A 832 3.84 30.96 6.23
N ILE A 833 3.00 31.98 6.31
CA ILE A 833 1.81 32.11 5.47
C ILE A 833 1.93 33.02 4.26
N GLY A 834 2.81 34.01 4.35
CA GLY A 834 3.02 34.97 3.28
C GLY A 834 2.13 36.18 3.47
N ASP A 835 2.25 37.17 2.59
CA ASP A 835 1.43 38.38 2.72
C ASP A 835 -0.01 38.07 2.32
N VAL A 836 -0.13 37.16 1.35
CA VAL A 836 -1.42 36.83 0.77
C VAL A 836 -1.37 35.45 0.11
N PRO A 837 -2.52 34.77 0.07
CA PRO A 837 -2.74 33.47 -0.61
C PRO A 837 -2.39 33.48 -2.07
N SER A 838 -1.39 32.68 -2.46
CA SER A 838 -0.95 32.58 -3.85
C SER A 838 -2.08 32.26 -4.81
N VAL A 839 -1.95 32.68 -6.06
CA VAL A 839 -2.98 32.43 -7.05
C VAL A 839 -3.01 30.95 -7.31
N GLU A 840 -1.82 30.36 -7.36
CA GLU A 840 -1.69 28.92 -7.61
C GLU A 840 -2.20 28.21 -6.38
N GLY A 841 -1.90 28.78 -5.22
CA GLY A 841 -2.45 28.25 -3.99
C GLY A 841 -3.92 27.95 -4.19
N MET A 842 -4.67 28.96 -4.62
CA MET A 842 -6.09 28.83 -4.89
C MET A 842 -6.43 27.90 -6.05
N LEU A 843 -5.61 27.91 -7.08
CA LEU A 843 -5.92 27.11 -8.25
C LEU A 843 -5.91 25.62 -7.95
N ARG A 844 -5.07 25.19 -7.02
CA ARG A 844 -5.08 23.76 -6.72
C ARG A 844 -5.93 23.37 -5.51
N HIS A 845 -6.56 24.33 -4.84
CA HIS A 845 -7.29 24.00 -3.62
C HIS A 845 -8.79 24.30 -3.63
N CYS A 846 -9.22 25.31 -4.37
CA CYS A 846 -10.65 25.55 -4.52
C CYS A 846 -11.33 24.40 -5.22
N ARG A 847 -12.44 23.96 -4.64
CA ARG A 847 -13.20 22.81 -5.12
C ARG A 847 -14.54 22.79 -4.39
N PHE A 848 -15.42 21.89 -4.80
CA PHE A 848 -16.79 21.91 -4.31
C PHE A 848 -17.10 20.96 -3.19
N SER A 849 -16.45 19.80 -3.21
CA SER A 849 -16.91 18.66 -2.43
C SER A 849 -17.93 18.87 -1.29
N GLY A 850 -19.02 18.10 -1.37
CA GLY A 850 -19.56 17.48 -0.18
C GLY A 850 -21.05 17.38 0.05
N GLY A 851 -21.52 18.23 0.95
CA GLY A 851 -22.89 18.18 1.39
C GLY A 851 -23.67 19.44 1.06
N ALA A 852 -24.51 19.85 2.00
CA ALA A 852 -25.51 20.85 1.69
C ALA A 852 -24.89 22.23 1.56
N THR A 853 -25.51 23.04 0.72
CA THR A 853 -25.20 24.42 0.59
C THR A 853 -26.52 25.12 0.73
N THR A 854 -26.45 26.43 0.65
CA THR A 854 -27.56 27.30 0.96
C THR A 854 -28.66 27.10 -0.07
N THR A 855 -28.32 26.42 -1.17
CA THR A 855 -29.27 26.12 -2.23
C THR A 855 -29.53 24.62 -2.42
N ASN A 856 -28.59 23.78 -2.01
CA ASN A 856 -28.71 22.33 -2.16
C ASN A 856 -28.88 21.67 -0.81
N ASN A 857 -29.66 20.61 -0.76
CA ASN A 857 -29.83 19.89 0.49
C ASN A 857 -29.05 18.60 0.43
N ARG A 858 -29.00 17.91 1.57
CA ARG A 858 -28.20 16.70 1.73
C ARG A 858 -28.26 15.86 0.46
N SER A 859 -29.46 15.66 -0.07
CA SER A 859 -29.67 14.90 -1.29
C SER A 859 -28.90 15.47 -2.48
N TYR A 860 -28.80 16.78 -2.59
CA TYR A 860 -28.08 17.38 -3.72
C TYR A 860 -26.68 17.87 -3.35
N GLY A 861 -26.07 17.17 -2.39
CA GLY A 861 -24.77 17.53 -1.89
C GLY A 861 -23.66 17.29 -2.88
N HIS A 862 -23.75 16.20 -3.64
CA HIS A 862 -22.65 15.78 -4.49
C HIS A 862 -22.15 16.89 -5.40
N PRO A 863 -20.83 17.04 -5.52
CA PRO A 863 -20.23 18.13 -6.30
C PRO A 863 -20.84 18.34 -7.71
N SER A 864 -21.38 17.28 -8.29
CA SER A 864 -21.92 17.35 -9.65
C SER A 864 -23.19 18.20 -9.72
N PHE A 865 -23.86 18.32 -8.59
CA PHE A 865 -25.07 19.13 -8.46
C PHE A 865 -24.69 20.55 -8.16
N LYS A 866 -23.49 20.76 -7.64
CA LYS A 866 -23.00 22.10 -7.35
C LYS A 866 -22.59 22.79 -8.64
N PHE A 867 -22.14 22.02 -9.62
CA PHE A 867 -21.73 22.58 -10.90
C PHE A 867 -22.91 22.78 -11.84
N ALA A 868 -24.04 22.17 -11.45
CA ALA A 868 -25.22 22.17 -12.29
C ALA A 868 -26.22 23.22 -11.82
N LEU A 869 -26.71 23.07 -10.60
CA LEU A 869 -27.50 24.09 -9.96
C LEU A 869 -26.65 25.31 -9.62
N PRO A 870 -27.16 26.52 -9.91
CA PRO A 870 -26.49 27.76 -9.53
C PRO A 870 -26.37 27.94 -8.01
N GLN A 871 -25.19 28.33 -7.56
CA GLN A 871 -24.95 28.44 -6.13
C GLN A 871 -25.03 29.89 -5.66
N ALA A 872 -25.39 30.09 -4.39
CA ALA A 872 -25.42 31.43 -3.82
C ALA A 872 -24.00 31.94 -3.53
N CYS A 873 -23.87 33.24 -3.38
CA CYS A 873 -22.59 33.80 -3.03
C CYS A 873 -22.74 35.15 -2.36
N THR A 874 -21.67 35.59 -1.72
CA THR A 874 -21.72 36.75 -0.86
C THR A 874 -21.35 37.97 -1.64
N PRO A 875 -21.90 39.14 -1.27
CA PRO A 875 -21.48 40.31 -2.06
C PRO A 875 -19.96 40.40 -2.15
N ARG A 876 -19.26 40.21 -1.03
CA ARG A 876 -17.80 40.33 -1.02
C ARG A 876 -17.12 39.21 -1.80
N ALA A 877 -17.82 38.09 -1.95
CA ALA A 877 -17.27 36.89 -2.56
C ALA A 877 -17.45 36.85 -4.08
N LEU A 878 -18.29 37.75 -4.59
CA LEU A 878 -18.61 37.85 -6.01
C LEU A 878 -17.45 37.85 -7.03
N LYS A 879 -16.40 38.65 -6.75
CA LYS A 879 -15.26 38.75 -7.68
C LYS A 879 -14.54 37.42 -7.86
N TYR A 880 -14.63 36.55 -6.87
CA TYR A 880 -13.97 35.25 -6.95
C TYR A 880 -14.70 34.43 -8.00
N VAL A 881 -16.02 34.41 -7.88
CA VAL A 881 -16.87 33.73 -8.84
C VAL A 881 -16.68 34.28 -10.27
N LEU A 882 -16.66 35.60 -10.42
CA LEU A 882 -16.46 36.18 -11.75
C LEU A 882 -15.10 35.78 -12.31
N ALA A 883 -14.11 35.74 -11.43
CA ALA A 883 -12.78 35.39 -11.87
C ALA A 883 -12.73 33.92 -12.32
N LEU A 884 -13.53 33.08 -11.65
CA LEU A 884 -13.60 31.68 -12.01
C LEU A 884 -14.34 31.57 -13.32
N ARG A 885 -15.35 32.41 -13.50
CA ARG A 885 -16.16 32.46 -14.72
C ARG A 885 -15.38 32.99 -15.93
N ALA A 886 -14.51 33.95 -15.69
CA ALA A 886 -13.62 34.46 -16.72
C ALA A 886 -12.58 33.41 -17.06
N SER A 887 -12.55 32.35 -16.26
CA SER A 887 -11.46 31.40 -16.28
C SER A 887 -11.75 30.18 -17.15
N THR A 888 -13.03 29.99 -17.47
CA THR A 888 -13.45 28.83 -18.24
C THR A 888 -14.58 29.18 -19.21
N HIS A 889 -14.73 28.34 -20.24
CA HIS A 889 -15.78 28.55 -21.23
C HIS A 889 -17.12 28.00 -20.76
N PHE A 890 -17.09 27.14 -19.73
CA PHE A 890 -18.34 26.60 -19.21
C PHE A 890 -19.13 27.66 -18.45
N ASP A 891 -20.43 27.48 -18.39
CA ASP A 891 -21.30 28.40 -17.66
C ASP A 891 -21.04 28.29 -16.19
N ILE A 892 -21.00 29.43 -15.52
CA ILE A 892 -20.80 29.44 -14.09
C ILE A 892 -21.74 30.47 -13.52
N ARG A 893 -22.83 30.03 -12.91
CA ARG A 893 -23.86 31.00 -12.58
C ARG A 893 -24.25 31.09 -11.11
N ILE A 894 -24.80 32.23 -10.72
CA ILE A 894 -25.08 32.50 -9.33
C ILE A 894 -26.57 32.51 -8.99
N SER A 895 -27.02 31.51 -8.24
CA SER A 895 -28.41 31.48 -7.85
C SER A 895 -28.81 32.88 -7.39
N ASP A 896 -28.11 33.41 -6.40
CA ASP A 896 -28.48 34.68 -5.74
C ASP A 896 -27.28 35.25 -4.94
N ILE A 897 -27.14 36.57 -4.88
CA ILE A 897 -26.12 37.14 -4.01
C ILE A 897 -26.67 37.71 -2.70
N SER A 898 -26.33 37.02 -1.60
CA SER A 898 -26.81 37.35 -0.27
C SER A 898 -25.74 37.09 0.79
N PRO A 899 -25.82 37.82 1.91
CA PRO A 899 -24.80 37.74 2.94
C PRO A 899 -25.14 36.71 3.99
N PHE A 900 -26.10 35.84 3.75
CA PHE A 900 -26.48 34.92 4.84
C PHE A 900 -26.07 33.46 4.65
N ASN A 901 -25.72 32.84 5.78
CA ASN A 901 -25.64 31.40 5.85
C ASN A 901 -26.82 30.94 6.66
N LYS A 902 -26.98 29.63 6.80
CA LYS A 902 -28.08 29.02 7.54
C LYS A 902 -27.60 28.31 8.80
N ALA A 903 -27.94 28.84 9.96
CA ALA A 903 -27.54 28.22 11.21
C ALA A 903 -28.48 27.06 11.50
N VAL A 904 -27.98 25.84 11.45
CA VAL A 904 -28.85 24.76 11.84
C VAL A 904 -28.31 23.98 13.02
N THR A 905 -28.91 22.83 13.26
CA THR A 905 -28.56 22.06 14.44
C THR A 905 -28.32 20.63 14.06
N VAL A 906 -27.30 20.02 14.66
CA VAL A 906 -26.97 18.63 14.41
C VAL A 906 -26.64 17.97 15.74
N PRO A 907 -26.81 16.65 15.81
CA PRO A 907 -26.64 15.88 17.04
C PRO A 907 -25.23 15.95 17.59
N LYS A 908 -25.09 15.96 18.92
CA LYS A 908 -23.79 15.88 19.56
C LYS A 908 -23.77 14.80 20.66
N ASN A 909 -24.31 15.11 21.83
CA ASN A 909 -24.50 14.13 22.86
C ASN A 909 -25.86 14.26 23.48
N SER A 910 -26.17 13.35 24.39
CA SER A 910 -27.47 13.31 25.06
C SER A 910 -27.87 14.63 25.67
N LYS A 911 -26.88 15.49 25.99
CA LYS A 911 -27.15 16.74 26.69
C LYS A 911 -27.34 17.96 25.79
N THR A 912 -26.83 17.94 24.56
CA THR A 912 -26.92 19.11 23.69
C THR A 912 -26.58 18.79 22.25
N ASP A 913 -27.18 19.55 21.34
CA ASP A 913 -26.82 19.42 19.94
C ASP A 913 -25.64 20.35 19.69
N ARG A 914 -25.21 20.42 18.44
CA ARG A 914 -24.16 21.33 18.05
C ARG A 914 -24.72 22.22 16.92
N CYS A 915 -24.72 23.54 17.11
CA CYS A 915 -25.04 24.48 16.03
C CYS A 915 -23.93 24.58 15.01
N ILE A 916 -24.28 24.49 13.73
CA ILE A 916 -23.30 24.70 12.67
C ILE A 916 -23.92 25.63 11.67
N ALA A 917 -23.29 25.77 10.52
CA ALA A 917 -23.80 26.69 9.53
C ALA A 917 -23.61 26.14 8.14
N ILE A 918 -24.67 26.20 7.34
CA ILE A 918 -24.65 25.72 5.97
C ILE A 918 -24.34 26.92 5.10
N GLU A 919 -23.25 26.88 4.36
CA GLU A 919 -22.79 28.09 3.68
C GLU A 919 -23.42 28.21 2.30
N PRO A 920 -23.20 29.37 1.67
CA PRO A 920 -23.46 29.49 0.23
C PRO A 920 -22.42 28.72 -0.60
N GLY A 921 -22.90 27.82 -1.45
CA GLY A 921 -22.10 27.06 -2.39
C GLY A 921 -20.81 27.65 -2.95
N TRP A 922 -20.84 28.85 -3.53
CA TRP A 922 -19.60 29.44 -4.10
C TRP A 922 -18.59 29.89 -3.06
N ASN A 923 -19.07 30.52 -2.00
CA ASN A 923 -18.22 30.81 -0.85
C ASN A 923 -17.49 29.57 -0.37
N MET A 924 -18.21 28.44 -0.34
CA MET A 924 -17.58 27.20 0.09
C MET A 924 -16.45 26.86 -0.84
N PHE A 925 -16.73 26.95 -2.14
CA PHE A 925 -15.78 26.58 -3.16
C PHE A 925 -14.45 27.24 -2.84
N PHE A 926 -14.52 28.49 -2.40
CA PHE A 926 -13.30 29.25 -2.22
C PHE A 926 -12.71 29.06 -0.84
N GLN A 927 -13.56 28.95 0.17
CA GLN A 927 -13.09 28.62 1.51
C GLN A 927 -12.19 27.39 1.50
N LEU A 928 -12.67 26.30 0.89
CA LEU A 928 -11.84 25.11 0.75
C LEU A 928 -10.52 25.40 0.02
N GLY A 929 -10.53 26.34 -0.91
CA GLY A 929 -9.29 26.79 -1.49
C GLY A 929 -8.30 27.27 -0.45
N ILE A 930 -8.68 28.22 0.39
CA ILE A 930 -7.69 28.72 1.31
C ILE A 930 -7.46 27.65 2.38
N GLY A 931 -8.54 27.06 2.87
CA GLY A 931 -8.40 25.93 3.77
C GLY A 931 -7.35 24.92 3.33
N GLY A 932 -7.37 24.58 2.04
CA GLY A 932 -6.44 23.62 1.47
C GLY A 932 -5.01 24.12 1.50
N ILE A 933 -4.84 25.40 1.18
CA ILE A 933 -3.53 26.01 1.21
C ILE A 933 -2.95 26.09 2.65
N LEU A 934 -3.72 26.58 3.62
CA LEU A 934 -3.25 26.56 5.02
C LEU A 934 -2.85 25.15 5.45
N ARG A 935 -3.60 24.15 5.02
CA ARG A 935 -3.27 22.78 5.35
C ARG A 935 -1.84 22.43 4.89
N ASP A 936 -1.45 22.92 3.73
CA ASP A 936 -0.10 22.63 3.19
C ASP A 936 0.98 23.29 4.00
N ARG A 937 0.71 24.54 4.39
CA ARG A 937 1.69 25.41 5.01
C ARG A 937 1.97 24.89 6.41
N LEU A 938 0.91 24.43 7.05
CA LEU A 938 0.96 24.00 8.41
C LEU A 938 1.92 22.82 8.56
N ARG A 939 2.28 22.19 7.45
CA ARG A 939 3.23 21.10 7.51
C ARG A 939 4.60 21.60 7.98
N CYS A 940 4.95 22.82 7.58
CA CYS A 940 6.22 23.41 8.00
C CYS A 940 6.34 23.58 9.51
N TRP A 941 5.24 23.47 10.23
CA TRP A 941 5.31 23.50 11.68
C TRP A 941 5.13 22.08 12.22
N GLY A 942 5.38 21.10 11.37
CA GLY A 942 5.17 19.72 11.75
C GLY A 942 3.72 19.33 11.96
N ILE A 943 2.78 20.24 11.72
CA ILE A 943 1.35 19.89 11.86
C ILE A 943 0.71 19.29 10.59
N ASP A 944 0.30 18.02 10.68
CA ASP A 944 -0.27 17.32 9.54
C ASP A 944 -1.74 16.94 9.76
N LEU A 945 -2.62 17.79 9.27
CA LEU A 945 -4.06 17.68 9.47
C LEU A 945 -4.74 16.51 8.74
N ASN A 946 -3.97 15.77 7.93
CA ASN A 946 -4.47 14.53 7.33
C ASN A 946 -4.14 13.32 8.19
N ASP A 947 -3.32 13.52 9.19
CA ASP A 947 -2.89 12.39 9.98
C ASP A 947 -3.18 12.52 11.48
N GLN A 948 -4.37 12.17 11.95
CA GLN A 948 -4.64 12.30 13.38
C GLN A 948 -3.92 11.23 14.18
N THR A 949 -3.07 10.51 13.50
CA THR A 949 -2.34 9.43 14.10
C THR A 949 -1.17 9.96 14.93
N ILE A 950 -0.63 11.11 14.56
CA ILE A 950 0.51 11.61 15.30
C ILE A 950 0.05 12.17 16.63
N ASN A 951 -1.18 12.68 16.66
CA ASN A 951 -1.72 13.16 17.92
C ASN A 951 -2.10 12.03 18.89
N GLN A 952 -2.38 10.84 18.35
CA GLN A 952 -2.80 9.75 19.20
C GLN A 952 -1.60 9.20 19.92
N ARG A 953 -0.48 9.14 19.20
CA ARG A 953 0.74 8.63 19.79
C ARG A 953 1.26 9.58 20.82
N ARG A 954 1.17 10.88 20.58
CA ARG A 954 1.66 11.79 21.59
C ARG A 954 0.70 11.78 22.78
N ALA A 955 -0.56 11.49 22.57
CA ALA A 955 -1.46 11.29 23.69
C ALA A 955 -0.93 10.12 24.56
N HIS A 956 -0.56 9.04 23.89
CA HIS A 956 -0.15 7.80 24.55
C HIS A 956 1.15 8.00 25.35
N GLU A 957 2.06 8.75 24.77
CA GLU A 957 3.32 9.07 25.43
C GLU A 957 3.10 10.01 26.63
N GLY A 958 2.42 11.12 26.40
CA GLY A 958 2.01 11.98 27.50
C GLY A 958 1.42 11.17 28.64
N SER A 959 0.96 9.98 28.28
CA SER A 959 0.23 9.13 29.21
C SER A 959 1.20 8.37 30.13
N VAL A 960 2.36 8.00 29.63
CA VAL A 960 3.32 7.37 30.52
C VAL A 960 4.32 8.41 31.06
N THR A 961 4.67 9.33 30.18
CA THR A 961 5.74 10.28 30.36
C THR A 961 5.36 11.50 31.22
N ASN A 962 4.08 11.82 31.28
CA ASN A 962 3.63 13.08 31.87
C ASN A 962 4.36 14.35 31.43
N ASN A 963 5.21 14.25 30.41
CA ASN A 963 5.86 15.45 29.93
C ASN A 963 5.07 16.26 28.93
N LEU A 964 4.07 15.65 28.28
CA LEU A 964 3.18 16.33 27.34
C LEU A 964 1.78 16.42 27.91
N ALA A 965 1.08 17.52 27.64
CA ALA A 965 -0.33 17.61 27.97
C ALA A 965 -1.22 17.54 26.74
N THR A 966 -2.45 17.08 26.93
CA THR A 966 -3.47 17.24 25.91
C THR A 966 -4.44 18.31 26.40
N VAL A 967 -4.75 19.29 25.56
CA VAL A 967 -5.69 20.31 25.98
C VAL A 967 -6.85 20.53 25.02
N ASP A 968 -7.91 21.13 25.55
CA ASP A 968 -9.16 21.27 24.82
C ASP A 968 -9.82 22.56 25.16
N LEU A 969 -10.24 23.29 24.15
CA LEU A 969 -10.99 24.50 24.38
C LEU A 969 -12.47 24.19 24.29
N SER A 970 -13.28 25.02 24.94
CA SER A 970 -14.72 24.80 25.01
C SER A 970 -15.50 25.07 23.73
N ALA A 971 -15.56 26.29 23.25
CA ALA A 971 -16.27 26.42 22.00
C ALA A 971 -15.30 26.52 20.81
N ALA A 972 -14.11 25.94 20.98
CA ALA A 972 -13.04 26.06 20.00
C ALA A 972 -13.29 27.10 18.89
N SER A 973 -13.88 26.67 17.79
CA SER A 973 -14.01 27.54 16.62
C SER A 973 -15.11 28.64 16.74
N ASP A 974 -16.09 28.44 17.62
CA ASP A 974 -17.09 29.49 17.86
C ASP A 974 -16.55 30.65 18.67
N SER A 975 -15.26 30.60 19.00
CA SER A 975 -14.72 31.60 19.91
C SER A 975 -13.60 32.46 19.34
N ILE A 976 -13.07 32.05 18.19
CA ILE A 976 -12.14 32.86 17.41
C ILE A 976 -12.86 34.12 16.97
N SER A 977 -12.63 35.24 17.63
CA SER A 977 -13.36 36.45 17.31
C SER A 977 -12.78 37.08 16.05
N LEU A 978 -13.44 38.11 15.54
CA LEU A 978 -12.89 38.83 14.39
C LEU A 978 -11.59 39.51 14.74
N ALA A 979 -11.57 40.14 15.93
CA ALA A 979 -10.44 40.95 16.36
C ALA A 979 -9.20 40.11 16.46
N LEU A 980 -9.30 38.93 17.10
CA LEU A 980 -8.16 38.05 17.20
C LEU A 980 -7.56 37.73 15.81
N CYS A 981 -8.37 37.32 14.85
CA CYS A 981 -7.84 37.09 13.51
C CYS A 981 -7.11 38.29 12.92
N GLU A 982 -7.66 39.47 13.15
CA GLU A 982 -7.13 40.68 12.56
C GLU A 982 -5.76 41.02 13.14
N LEU A 983 -5.53 40.64 14.40
CA LEU A 983 -4.25 40.89 15.06
C LEU A 983 -3.18 39.86 14.69
N LEU A 984 -3.62 38.65 14.38
CA LEU A 984 -2.72 37.57 14.07
C LEU A 984 -2.31 37.46 12.57
N LEU A 985 -3.23 37.78 11.65
CA LEU A 985 -3.02 37.48 10.23
C LEU A 985 -2.45 38.62 9.37
N PRO A 986 -1.69 38.25 8.34
CA PRO A 986 -1.28 39.32 7.44
C PRO A 986 -2.52 39.99 6.90
N PRO A 987 -2.47 41.30 6.62
CA PRO A 987 -3.60 42.02 6.02
C PRO A 987 -4.14 41.36 4.77
N GLY A 988 -3.26 41.06 3.83
CA GLY A 988 -3.68 40.39 2.62
C GLY A 988 -4.59 39.21 2.94
N TRP A 989 -4.22 38.44 3.96
CA TRP A 989 -4.99 37.24 4.30
C TRP A 989 -6.31 37.62 4.95
N PHE A 990 -6.26 38.47 5.96
CA PHE A 990 -7.48 38.79 6.67
C PHE A 990 -8.55 39.31 5.71
N GLU A 991 -8.13 40.08 4.74
CA GLU A 991 -9.06 40.56 3.76
C GLU A 991 -9.69 39.39 3.00
N VAL A 992 -8.86 38.52 2.42
CA VAL A 992 -9.36 37.37 1.70
C VAL A 992 -10.25 36.54 2.61
N LEU A 993 -9.87 36.35 3.86
CA LEU A 993 -10.76 35.68 4.79
C LEU A 993 -12.08 36.45 5.00
N MET A 994 -12.03 37.77 5.05
CA MET A 994 -13.27 38.55 5.20
C MET A 994 -14.21 38.50 3.99
N ASP A 995 -13.64 38.33 2.79
CA ASP A 995 -14.44 38.26 1.59
C ASP A 995 -15.19 36.94 1.61
N LEU A 996 -14.52 35.90 2.07
CA LEU A 996 -15.04 34.56 1.87
C LEU A 996 -15.96 34.06 2.99
N ARG A 997 -15.92 34.71 4.14
CA ARG A 997 -16.80 34.29 5.23
C ARG A 997 -18.25 34.69 4.97
N SER A 998 -19.18 34.07 5.68
CA SER A 998 -20.53 34.60 5.79
C SER A 998 -20.60 35.56 6.96
N PRO A 999 -20.84 36.86 6.67
CA PRO A 999 -20.90 37.90 7.69
C PRO A 999 -22.15 37.81 8.53
N LYS A 1000 -23.21 37.22 7.99
CA LYS A 1000 -24.52 37.19 8.67
C LYS A 1000 -25.11 35.79 8.66
N GLY A 1001 -26.02 35.53 9.60
CA GLY A 1001 -26.64 34.21 9.65
C GLY A 1001 -28.13 34.25 9.91
N ARG A 1002 -28.86 33.42 9.16
CA ARG A 1002 -30.28 33.28 9.37
C ARG A 1002 -30.58 32.03 10.18
N LEU A 1003 -31.14 32.23 11.37
CA LEU A 1003 -31.43 31.13 12.26
C LEU A 1003 -32.74 30.43 11.88
N PRO A 1004 -33.08 29.31 12.54
CA PRO A 1004 -34.36 28.69 12.22
C PRO A 1004 -35.56 29.56 12.61
N ASP A 1005 -35.34 30.65 13.35
CA ASP A 1005 -36.41 31.55 13.77
C ASP A 1005 -36.73 32.57 12.70
N GLY A 1006 -35.96 32.55 11.63
CA GLY A 1006 -35.98 33.63 10.64
C GLY A 1006 -35.22 34.85 11.13
N SER A 1007 -34.89 34.87 12.43
CA SER A 1007 -34.08 35.94 13.03
C SER A 1007 -32.67 36.01 12.41
N VAL A 1008 -31.96 37.11 12.67
CA VAL A 1008 -30.56 37.24 12.19
C VAL A 1008 -29.48 37.40 13.25
N VAL A 1009 -28.24 37.14 12.84
CA VAL A 1009 -27.04 37.45 13.61
C VAL A 1009 -26.00 38.05 12.68
N THR A 1010 -25.34 39.11 13.17
CA THR A 1010 -24.19 39.62 12.45
C THR A 1010 -22.98 39.14 13.21
N TYR A 1011 -22.34 38.12 12.64
CA TYR A 1011 -21.36 37.32 13.34
C TYR A 1011 -20.22 38.10 13.95
N GLU A 1012 -19.94 37.75 15.20
CA GLU A 1012 -18.88 38.33 15.99
C GLU A 1012 -17.59 37.52 15.80
N LYS A 1013 -17.78 36.21 15.75
CA LYS A 1013 -16.70 35.28 15.45
C LYS A 1013 -16.33 35.40 13.99
N ILE A 1014 -15.12 34.95 13.65
CA ILE A 1014 -14.60 35.09 12.30
C ILE A 1014 -15.37 34.15 11.39
N SER A 1015 -15.56 32.92 11.85
CA SER A 1015 -16.34 31.96 11.06
C SER A 1015 -16.92 30.86 11.93
N SER A 1016 -17.93 30.21 11.39
CA SER A 1016 -18.71 29.26 12.14
C SER A 1016 -18.23 27.90 11.71
N MET A 1017 -18.63 26.87 12.43
CA MET A 1017 -18.28 25.54 12.03
C MET A 1017 -19.08 25.25 10.76
N GLY A 1018 -18.44 24.68 9.76
CA GLY A 1018 -19.15 24.36 8.53
C GLY A 1018 -18.62 25.24 7.44
N ASN A 1019 -17.75 26.16 7.82
CA ASN A 1019 -17.06 27.00 6.85
C ASN A 1019 -15.88 26.19 6.24
N GLY A 1020 -15.39 26.60 5.07
CA GLY A 1020 -14.48 25.74 4.34
C GLY A 1020 -13.06 25.76 4.86
N TYR A 1021 -12.78 26.73 5.72
CA TYR A 1021 -11.43 26.95 6.22
C TYR A 1021 -11.34 27.02 7.75
N THR A 1022 -12.47 27.11 8.44
CA THR A 1022 -12.38 27.34 9.88
C THR A 1022 -11.53 26.29 10.63
N PHE A 1023 -11.60 25.03 10.19
CA PHE A 1023 -10.85 24.00 10.91
C PHE A 1023 -9.37 24.28 10.81
N GLU A 1024 -8.88 24.53 9.60
CA GLU A 1024 -7.47 24.80 9.36
C GLU A 1024 -7.05 26.15 9.98
N LEU A 1025 -8.00 27.07 10.11
CA LEU A 1025 -7.68 28.38 10.66
C LEU A 1025 -7.57 28.27 12.15
N GLU A 1026 -8.42 27.45 12.75
CA GLU A 1026 -8.31 27.36 14.20
C GLU A 1026 -7.04 26.58 14.59
N SER A 1027 -6.58 25.71 13.70
CA SER A 1027 -5.40 24.91 13.95
C SER A 1027 -4.17 25.82 13.96
N LEU A 1028 -4.11 26.69 12.98
CA LEU A 1028 -3.01 27.64 12.87
C LEU A 1028 -3.01 28.66 13.99
N ILE A 1029 -4.18 29.20 14.31
CA ILE A 1029 -4.26 30.11 15.45
C ILE A 1029 -3.82 29.39 16.72
N PHE A 1030 -4.32 28.18 16.93
CA PHE A 1030 -3.93 27.46 18.13
C PHE A 1030 -2.44 27.15 18.17
N ALA A 1031 -1.88 26.64 17.07
CA ALA A 1031 -0.47 26.30 17.05
C ALA A 1031 0.41 27.54 17.24
N SER A 1032 0.14 28.58 16.49
CA SER A 1032 0.92 29.80 16.61
C SER A 1032 0.97 30.30 18.06
N LEU A 1033 -0.14 30.25 18.79
CA LEU A 1033 -0.07 30.70 20.20
C LEU A 1033 0.75 29.77 21.06
N ALA A 1034 0.49 28.48 20.96
CA ALA A 1034 1.18 27.52 21.77
C ALA A 1034 2.69 27.60 21.49
N ARG A 1035 3.06 27.75 20.21
CA ARG A 1035 4.46 27.91 19.85
C ARG A 1035 5.07 29.14 20.47
N SER A 1036 4.39 30.27 20.35
CA SER A 1036 4.86 31.49 20.98
C SER A 1036 4.98 31.33 22.49
N VAL A 1037 4.09 30.54 23.07
CA VAL A 1037 4.13 30.32 24.50
C VAL A 1037 5.36 29.49 24.84
N CYS A 1038 5.62 28.50 23.99
CA CYS A 1038 6.87 27.75 24.10
C CYS A 1038 8.16 28.60 24.12
N GLU A 1039 8.30 29.57 23.20
CA GLU A 1039 9.49 30.42 23.13
C GLU A 1039 9.64 31.31 24.38
N ILE A 1040 8.53 31.89 24.81
CA ILE A 1040 8.49 32.67 26.05
C ILE A 1040 9.01 31.88 27.25
N LEU A 1041 8.92 30.55 27.19
CA LEU A 1041 9.31 29.71 28.32
C LEU A 1041 10.62 28.94 28.10
N ASP A 1042 11.22 29.12 26.92
CA ASP A 1042 12.41 28.37 26.55
C ASP A 1042 12.13 26.87 26.41
N LEU A 1043 10.99 26.54 25.80
CA LEU A 1043 10.72 25.19 25.29
C LEU A 1043 10.86 25.15 23.78
N ASP A 1044 11.03 23.95 23.26
CA ASP A 1044 11.04 23.76 21.81
C ASP A 1044 9.62 23.91 21.21
N SER A 1045 9.44 24.90 20.34
CA SER A 1045 8.20 25.09 19.62
C SER A 1045 7.76 23.78 18.97
N SER A 1046 8.75 23.00 18.54
CA SER A 1046 8.51 21.84 17.73
C SER A 1046 7.83 20.75 18.55
N GLU A 1047 7.83 20.91 19.86
CA GLU A 1047 7.09 20.01 20.71
C GLU A 1047 5.57 20.28 20.61
N VAL A 1048 5.19 21.39 19.96
CA VAL A 1048 3.76 21.71 19.78
C VAL A 1048 3.11 20.95 18.63
N THR A 1049 1.91 20.48 18.90
CA THR A 1049 1.18 19.78 17.89
C THR A 1049 -0.33 20.05 18.05
N VAL A 1050 -1.00 20.22 16.93
CA VAL A 1050 -2.38 20.63 16.95
C VAL A 1050 -3.17 19.99 15.82
N TYR A 1051 -4.38 19.57 16.14
CA TYR A 1051 -5.35 19.08 15.16
C TYR A 1051 -6.71 19.65 15.55
N GLY A 1052 -7.18 20.62 14.78
CA GLY A 1052 -8.34 21.38 15.17
C GLY A 1052 -8.06 21.99 16.52
N ASP A 1053 -8.86 21.62 17.51
CA ASP A 1053 -8.62 22.14 18.83
C ASP A 1053 -8.04 21.09 19.76
N ASP A 1054 -7.64 19.95 19.22
CA ASP A 1054 -6.90 18.95 20.00
C ASP A 1054 -5.42 19.36 20.01
N ILE A 1055 -5.01 20.01 21.10
CA ILE A 1055 -3.71 20.64 21.19
C ILE A 1055 -2.85 19.80 22.11
N ILE A 1056 -1.60 19.59 21.73
CA ILE A 1056 -0.65 18.89 22.57
C ILE A 1056 0.63 19.67 22.65
N LEU A 1057 0.97 20.13 23.85
CA LEU A 1057 2.25 20.81 24.05
C LEU A 1057 2.87 20.32 25.36
N PRO A 1058 4.10 20.76 25.72
CA PRO A 1058 4.73 20.25 26.94
C PRO A 1058 3.98 20.70 28.20
N SER A 1059 3.91 19.85 29.21
CA SER A 1059 3.09 20.08 30.42
C SER A 1059 3.34 21.43 31.11
N CYS A 1060 4.60 21.79 31.28
CA CYS A 1060 4.99 23.05 31.95
C CYS A 1060 4.40 24.27 31.28
N ALA A 1061 3.98 24.13 30.02
CA ALA A 1061 3.56 25.28 29.23
C ALA A 1061 2.09 25.60 29.47
N VAL A 1062 1.38 24.67 30.10
CA VAL A 1062 -0.07 24.77 30.17
C VAL A 1062 -0.52 26.01 30.95
N PRO A 1063 -0.02 26.21 32.18
CA PRO A 1063 -0.51 27.37 32.95
C PRO A 1063 -0.37 28.68 32.18
N ALA A 1064 0.66 28.79 31.35
CA ALA A 1064 0.88 30.02 30.62
C ALA A 1064 -0.02 30.07 29.41
N LEU A 1065 -0.21 28.92 28.78
CA LEU A 1065 -1.16 28.77 27.70
C LEU A 1065 -2.59 29.05 28.17
N ARG A 1066 -2.92 28.62 29.38
CA ARG A 1066 -4.23 28.92 29.94
C ARG A 1066 -4.45 30.42 30.01
N GLU A 1067 -3.42 31.14 30.42
CA GLU A 1067 -3.54 32.57 30.60
C GLU A 1067 -3.65 33.28 29.26
N VAL A 1068 -2.80 32.90 28.32
CA VAL A 1068 -2.89 33.44 26.97
C VAL A 1068 -4.30 33.23 26.42
N PHE A 1069 -4.78 31.99 26.47
CA PHE A 1069 -6.10 31.68 25.95
C PHE A 1069 -7.20 32.52 26.60
N LYS A 1070 -7.19 32.62 27.91
CA LYS A 1070 -8.18 33.45 28.59
C LYS A 1070 -8.13 34.87 28.03
N TYR A 1071 -6.91 35.36 27.78
CA TYR A 1071 -6.73 36.74 27.35
C TYR A 1071 -7.23 36.99 25.95
N VAL A 1072 -7.11 36.02 25.06
CA VAL A 1072 -7.43 36.30 23.68
C VAL A 1072 -8.83 35.80 23.36
N GLY A 1073 -9.59 35.48 24.41
CA GLY A 1073 -11.00 35.20 24.26
C GLY A 1073 -11.46 33.76 24.44
N PHE A 1074 -10.53 32.82 24.37
CA PHE A 1074 -10.85 31.42 24.48
C PHE A 1074 -11.09 31.03 25.91
N THR A 1075 -11.86 29.96 26.07
CA THR A 1075 -12.09 29.38 27.38
C THR A 1075 -11.72 27.89 27.35
N THR A 1076 -10.71 27.54 28.13
CA THR A 1076 -10.17 26.20 28.06
C THR A 1076 -11.04 25.24 28.88
N ASN A 1077 -11.37 24.09 28.29
CA ASN A 1077 -12.23 23.10 28.93
C ASN A 1077 -11.52 22.36 30.06
N THR A 1078 -11.59 22.92 31.26
CA THR A 1078 -10.94 22.33 32.42
C THR A 1078 -11.21 20.81 32.55
N LYS A 1079 -12.38 20.37 32.13
CA LYS A 1079 -12.71 18.95 32.27
C LYS A 1079 -12.03 18.03 31.25
N LYS A 1080 -11.65 18.55 30.09
CA LYS A 1080 -11.10 17.67 29.05
C LYS A 1080 -9.65 18.01 28.68
N THR A 1081 -9.02 18.81 29.52
CA THR A 1081 -7.60 19.08 29.36
C THR A 1081 -6.84 18.42 30.52
N PHE A 1082 -5.71 17.81 30.20
CA PHE A 1082 -4.98 16.99 31.14
C PHE A 1082 -3.50 17.26 30.99
N SER A 1083 -2.88 17.80 32.05
CA SER A 1083 -1.44 18.07 32.03
C SER A 1083 -0.71 17.38 33.18
N GLU A 1084 -1.35 16.35 33.72
CA GLU A 1084 -0.82 15.58 34.83
C GLU A 1084 -1.85 14.48 35.11
N GLY A 1085 -1.60 13.63 36.09
CA GLY A 1085 -2.42 12.43 36.19
C GLY A 1085 -2.02 11.44 35.10
N PRO A 1086 -2.52 10.21 35.22
CA PRO A 1086 -2.19 9.10 34.31
C PRO A 1086 -2.98 9.16 33.00
N PHE A 1087 -3.92 10.09 32.91
CA PHE A 1087 -4.80 10.14 31.76
C PHE A 1087 -4.48 11.18 30.65
N ARG A 1088 -4.54 10.74 29.39
CA ARG A 1088 -4.46 11.62 28.21
C ARG A 1088 -5.43 11.18 27.10
N GLU A 1089 -5.95 12.14 26.35
CA GLU A 1089 -6.78 11.85 25.18
C GLU A 1089 -6.49 12.78 24.02
N SER A 1090 -6.51 12.23 22.81
CA SER A 1090 -6.35 13.05 21.65
C SER A 1090 -6.83 12.30 20.42
N CYS A 1091 -7.67 12.97 19.63
CA CYS A 1091 -8.08 12.47 18.33
C CYS A 1091 -8.67 11.10 18.42
N GLY A 1092 -9.57 10.89 19.37
CA GLY A 1092 -10.30 9.65 19.40
C GLY A 1092 -9.70 8.57 20.30
N LYS A 1093 -8.39 8.61 20.47
CA LYS A 1093 -7.72 7.66 21.35
C LYS A 1093 -7.58 8.19 22.78
N HIS A 1094 -7.90 7.34 23.74
CA HIS A 1094 -7.79 7.69 25.15
C HIS A 1094 -6.77 6.79 25.83
N TYR A 1095 -5.85 7.37 26.59
CA TYR A 1095 -4.87 6.52 27.26
C TYR A 1095 -4.75 6.71 28.76
N TYR A 1096 -4.47 5.59 29.41
CA TYR A 1096 -4.26 5.56 30.84
C TYR A 1096 -2.97 4.80 31.14
N SER A 1097 -1.96 5.53 31.62
CA SER A 1097 -0.64 4.96 31.85
C SER A 1097 -0.19 4.04 30.72
N GLY A 1098 -0.52 4.42 29.50
CA GLY A 1098 0.00 3.74 28.32
C GLY A 1098 -0.94 2.70 27.77
N VAL A 1099 -1.93 2.29 28.58
CA VAL A 1099 -2.88 1.32 28.07
C VAL A 1099 -4.06 2.04 27.39
N ASP A 1100 -4.45 1.52 26.23
CA ASP A 1100 -5.59 2.05 25.48
C ASP A 1100 -6.89 1.83 26.27
N VAL A 1101 -7.57 2.93 26.59
CA VAL A 1101 -8.79 2.86 27.38
C VAL A 1101 -9.89 3.55 26.62
N THR A 1102 -9.67 3.75 25.32
CA THR A 1102 -10.69 4.38 24.52
C THR A 1102 -11.95 3.54 24.52
N PRO A 1103 -13.07 4.19 24.77
CA PRO A 1103 -14.38 3.58 24.99
C PRO A 1103 -15.12 3.28 23.69
N PHE A 1104 -16.40 2.97 23.80
CA PHE A 1104 -17.26 2.93 22.64
C PHE A 1104 -18.65 3.44 22.98
N TYR A 1105 -19.34 3.95 21.96
CA TYR A 1105 -20.60 4.62 22.17
C TYR A 1105 -21.77 3.92 21.49
N ILE A 1106 -22.85 3.74 22.24
CA ILE A 1106 -24.12 3.38 21.63
C ILE A 1106 -24.92 4.66 21.45
N ARG A 1107 -25.15 5.07 20.21
CA ARG A 1107 -25.78 6.34 19.93
C ARG A 1107 -27.28 6.28 19.68
N HIS A 1108 -27.79 5.16 19.14
CA HIS A 1108 -29.20 5.08 18.73
C HIS A 1108 -30.00 3.91 19.34
N ARG A 1109 -31.32 4.08 19.40
CA ARG A 1109 -32.21 2.98 19.69
C ARG A 1109 -31.78 1.82 18.81
N ILE A 1110 -31.53 0.68 19.44
CA ILE A 1110 -31.18 -0.50 18.67
C ILE A 1110 -32.47 -1.18 18.21
N VAL A 1111 -32.77 -1.08 16.91
CA VAL A 1111 -33.99 -1.67 16.40
C VAL A 1111 -33.83 -2.74 15.33
N SER A 1112 -32.81 -2.62 14.49
CA SER A 1112 -32.64 -3.64 13.44
C SER A 1112 -31.47 -4.56 13.76
N PRO A 1113 -31.38 -5.71 13.06
CA PRO A 1113 -30.20 -6.55 13.23
C PRO A 1113 -28.86 -5.87 12.89
N ALA A 1114 -28.82 -4.94 11.93
CA ALA A 1114 -27.60 -4.13 11.74
C ALA A 1114 -27.28 -3.27 12.98
N ASP A 1115 -28.29 -2.67 13.60
CA ASP A 1115 -28.03 -1.88 14.81
C ASP A 1115 -27.35 -2.75 15.86
N LEU A 1116 -27.88 -3.95 16.09
CA LEU A 1116 -27.38 -4.82 17.14
C LEU A 1116 -25.98 -5.32 16.77
N ILE A 1117 -25.80 -5.68 15.51
CA ILE A 1117 -24.50 -6.18 15.12
C ILE A 1117 -23.42 -5.11 15.37
N LEU A 1118 -23.69 -3.90 14.93
CA LEU A 1118 -22.76 -2.80 15.17
C LEU A 1118 -22.37 -2.75 16.65
N VAL A 1119 -23.35 -2.73 17.55
CA VAL A 1119 -23.03 -2.67 18.97
C VAL A 1119 -22.19 -3.87 19.43
N LEU A 1120 -22.62 -5.07 19.09
CA LEU A 1120 -21.84 -6.26 19.42
C LEU A 1120 -20.40 -6.21 18.88
N ASN A 1121 -20.25 -5.77 17.63
CA ASN A 1121 -18.90 -5.64 17.12
C ASN A 1121 -18.06 -4.62 17.87
N ASN A 1122 -18.69 -3.52 18.28
CA ASN A 1122 -17.95 -2.56 19.07
C ASN A 1122 -17.53 -3.15 20.39
N LEU A 1123 -18.35 -4.05 20.91
CA LEU A 1123 -18.06 -4.69 22.16
C LEU A 1123 -16.88 -5.61 21.91
N TYR A 1124 -16.92 -6.30 20.78
CA TYR A 1124 -15.89 -7.26 20.43
C TYR A 1124 -14.55 -6.56 20.37
N ARG A 1125 -14.50 -5.45 19.66
CA ARG A 1125 -13.24 -4.78 19.43
C ARG A 1125 -12.70 -4.15 20.70
N TRP A 1126 -13.58 -3.86 21.64
CA TRP A 1126 -13.14 -3.23 22.88
C TRP A 1126 -12.75 -4.26 23.92
N ALA A 1127 -13.10 -5.51 23.71
CA ALA A 1127 -12.92 -6.51 24.74
C ALA A 1127 -11.97 -7.62 24.29
N THR A 1128 -11.57 -7.55 23.03
CA THR A 1128 -10.77 -8.60 22.44
C THR A 1128 -9.32 -8.21 22.40
N ILE A 1129 -8.46 -9.08 22.90
CA ILE A 1129 -7.05 -8.98 22.56
C ILE A 1129 -6.75 -10.05 21.52
N ASP A 1130 -6.36 -9.60 20.33
CA ASP A 1130 -6.05 -10.47 19.20
C ASP A 1130 -7.02 -11.62 18.93
N GLY A 1131 -8.32 -11.34 18.94
CA GLY A 1131 -9.29 -12.39 18.72
C GLY A 1131 -9.66 -13.21 19.95
N VAL A 1132 -8.99 -12.95 21.07
CA VAL A 1132 -9.27 -13.68 22.31
C VAL A 1132 -10.11 -12.82 23.28
N TRP A 1133 -11.22 -13.38 23.76
CA TRP A 1133 -12.13 -12.62 24.63
C TRP A 1133 -11.67 -12.41 26.07
N ASP A 1134 -11.89 -11.22 26.60
CA ASP A 1134 -12.01 -11.08 28.04
C ASP A 1134 -13.30 -11.83 28.41
N PRO A 1135 -13.23 -12.77 29.34
CA PRO A 1135 -14.42 -13.54 29.70
C PRO A 1135 -15.59 -12.72 30.26
N ARG A 1136 -15.26 -11.65 30.98
CA ARG A 1136 -16.28 -10.81 31.56
C ARG A 1136 -17.22 -10.30 30.48
N ALA A 1137 -16.67 -9.87 29.36
CA ALA A 1137 -17.50 -9.23 28.36
C ALA A 1137 -18.19 -10.30 27.52
N HIS A 1138 -17.48 -11.39 27.29
CA HIS A 1138 -17.95 -12.46 26.42
C HIS A 1138 -19.29 -13.03 26.84
N SER A 1139 -19.57 -12.99 28.13
CA SER A 1139 -20.82 -13.53 28.62
C SER A 1139 -21.95 -12.60 28.20
N VAL A 1140 -21.64 -11.31 28.12
CA VAL A 1140 -22.66 -10.37 27.72
C VAL A 1140 -22.83 -10.42 26.22
N TYR A 1141 -21.73 -10.52 25.51
CA TYR A 1141 -21.78 -10.68 24.07
C TYR A 1141 -22.70 -11.84 23.69
N LEU A 1142 -22.43 -13.04 24.23
CA LEU A 1142 -23.24 -14.20 23.93
C LEU A 1142 -24.69 -14.05 24.38
N LYS A 1143 -24.93 -13.36 25.49
CA LYS A 1143 -26.31 -13.15 25.90
C LYS A 1143 -27.05 -12.43 24.77
N TYR A 1144 -26.59 -11.25 24.40
CA TYR A 1144 -27.29 -10.49 23.38
C TYR A 1144 -27.20 -11.02 21.96
N ARG A 1145 -26.20 -11.83 21.64
CA ARG A 1145 -26.18 -12.40 20.31
C ARG A 1145 -27.43 -13.24 20.01
N LYS A 1146 -28.10 -13.69 21.07
CA LYS A 1146 -29.21 -14.62 20.91
C LYS A 1146 -30.46 -13.89 20.45
N LEU A 1147 -30.39 -12.56 20.50
CA LEU A 1147 -31.51 -11.73 20.08
C LEU A 1147 -31.61 -11.60 18.58
N LEU A 1148 -30.57 -12.01 17.86
CA LEU A 1148 -30.56 -11.86 16.41
C LEU A 1148 -31.26 -13.02 15.76
N PRO A 1149 -31.85 -12.82 14.56
CA PRO A 1149 -32.26 -13.99 13.76
C PRO A 1149 -31.13 -14.99 13.67
N LYS A 1150 -31.48 -16.26 13.82
CA LYS A 1150 -30.54 -17.35 13.92
C LYS A 1150 -29.39 -17.33 12.90
N GLN A 1151 -29.69 -17.28 11.60
CA GLN A 1151 -28.60 -17.35 10.64
C GLN A 1151 -27.61 -16.23 10.77
N LEU A 1152 -28.03 -15.13 11.36
CA LEU A 1152 -27.20 -13.95 11.44
C LEU A 1152 -26.29 -14.08 12.66
N GLN A 1153 -26.59 -15.07 13.49
CA GLN A 1153 -25.78 -15.37 14.67
C GLN A 1153 -24.53 -16.10 14.27
N ARG A 1154 -24.57 -16.75 13.12
CA ARG A 1154 -23.45 -17.57 12.69
C ARG A 1154 -22.72 -16.95 11.50
N ASN A 1155 -23.27 -15.87 10.94
CA ASN A 1155 -22.69 -15.26 9.74
C ASN A 1155 -21.63 -14.25 10.12
N THR A 1156 -20.37 -14.68 10.13
CA THR A 1156 -19.28 -13.87 10.68
C THR A 1156 -18.29 -13.45 9.60
N ILE A 1157 -17.65 -12.30 9.81
CA ILE A 1157 -16.55 -11.82 8.95
C ILE A 1157 -15.35 -11.41 9.81
N PRO A 1158 -14.16 -11.36 9.20
CA PRO A 1158 -12.93 -10.91 9.87
C PRO A 1158 -13.01 -9.45 10.25
N ASP A 1159 -12.13 -8.94 11.11
CA ASP A 1159 -12.18 -7.53 11.41
C ASP A 1159 -11.67 -6.71 10.20
N GLY A 1160 -11.99 -5.43 10.17
CA GLY A 1160 -11.65 -4.59 9.04
C GLY A 1160 -12.41 -4.88 7.76
N TYR A 1161 -13.63 -5.40 7.87
CA TYR A 1161 -14.48 -5.52 6.68
C TYR A 1161 -15.82 -4.82 6.86
N GLY A 1162 -15.98 -4.09 7.96
CA GLY A 1162 -17.19 -3.34 8.20
C GLY A 1162 -18.07 -4.01 9.22
N ASP A 1163 -19.37 -3.72 9.17
CA ASP A 1163 -20.25 -4.15 10.22
C ASP A 1163 -21.58 -4.73 9.75
N GLY A 1164 -21.58 -5.37 8.58
CA GLY A 1164 -22.78 -6.03 8.08
C GLY A 1164 -22.76 -7.53 8.38
N ALA A 1165 -21.95 -7.88 9.37
CA ALA A 1165 -21.82 -9.25 9.85
C ALA A 1165 -21.06 -9.15 11.16
N LEU A 1166 -21.27 -10.10 12.06
CA LEU A 1166 -20.51 -10.17 13.30
C LEU A 1166 -19.04 -10.51 13.05
N VAL A 1167 -18.15 -9.82 13.77
CA VAL A 1167 -16.73 -10.13 13.66
C VAL A 1167 -16.47 -11.43 14.44
N GLY A 1168 -15.73 -12.33 13.81
CA GLY A 1168 -15.42 -13.63 14.38
C GLY A 1168 -14.59 -14.34 13.34
N SER A 1169 -14.66 -15.68 13.31
CA SER A 1169 -13.82 -16.47 12.41
C SER A 1169 -14.53 -16.90 11.12
N VAL A 1170 -14.06 -16.42 9.98
CA VAL A 1170 -14.76 -16.67 8.72
C VAL A 1170 -14.64 -18.12 8.22
N LEU A 1171 -13.66 -18.85 8.74
CA LEU A 1171 -13.48 -20.24 8.35
C LEU A 1171 -14.66 -21.11 8.81
N ILE A 1172 -15.29 -20.73 9.91
CA ILE A 1172 -16.42 -21.49 10.42
C ILE A 1172 -17.78 -20.87 10.08
N ASN A 1173 -17.80 -19.96 9.11
CA ASN A 1173 -19.04 -19.42 8.60
C ASN A 1173 -19.60 -20.41 7.60
N PRO A 1174 -20.82 -20.89 7.83
CA PRO A 1174 -21.50 -21.86 6.97
C PRO A 1174 -22.01 -21.25 5.67
N PHE A 1175 -22.12 -19.94 5.64
CA PHE A 1175 -22.65 -19.25 4.48
C PHE A 1175 -21.53 -18.76 3.60
N ALA A 1176 -20.32 -18.78 4.12
CA ALA A 1176 -19.19 -18.43 3.30
C ALA A 1176 -19.05 -19.44 2.16
N LYS A 1177 -19.12 -18.99 0.91
CA LYS A 1177 -18.87 -19.88 -0.20
C LYS A 1177 -17.47 -19.62 -0.78
N ASN A 1178 -16.62 -20.64 -0.84
CA ASN A 1178 -15.33 -20.46 -1.50
C ASN A 1178 -15.47 -20.70 -3.01
N ARG A 1179 -15.35 -19.62 -3.78
CA ARG A 1179 -15.71 -19.66 -5.19
C ARG A 1179 -14.48 -19.31 -6.01
N GLY A 1180 -13.89 -20.30 -6.68
CA GLY A 1180 -12.71 -20.06 -7.48
C GLY A 1180 -11.50 -19.61 -6.66
N TRP A 1181 -11.33 -20.19 -5.48
CA TRP A 1181 -10.16 -19.94 -4.65
C TRP A 1181 -10.20 -18.59 -3.99
N ILE A 1182 -11.23 -17.82 -4.28
CA ILE A 1182 -11.49 -16.65 -3.47
C ILE A 1182 -12.77 -16.90 -2.65
N ARG A 1183 -12.75 -16.46 -1.40
CA ARG A 1183 -13.80 -16.75 -0.43
C ARG A 1183 -14.80 -15.60 -0.36
N TYR A 1184 -16.08 -15.91 -0.55
CA TYR A 1184 -17.13 -14.89 -0.56
C TYR A 1184 -18.08 -15.01 0.60
N VAL A 1185 -18.23 -13.94 1.35
CA VAL A 1185 -19.13 -13.94 2.48
C VAL A 1185 -20.15 -12.80 2.37
N PRO A 1186 -21.42 -13.10 2.68
CA PRO A 1186 -22.53 -12.14 2.65
C PRO A 1186 -22.55 -11.17 3.84
N VAL A 1187 -22.75 -9.90 3.57
CA VAL A 1187 -22.88 -8.92 4.61
C VAL A 1187 -24.16 -8.12 4.36
N ILE A 1188 -24.66 -7.47 5.41
CA ILE A 1188 -25.82 -6.60 5.30
C ILE A 1188 -25.38 -5.21 4.88
N THR A 1189 -26.11 -4.61 3.96
CA THR A 1189 -25.82 -3.27 3.44
C THR A 1189 -27.12 -2.52 3.34
N ASP A 1190 -27.06 -1.19 3.34
CA ASP A 1190 -28.27 -0.38 3.17
C ASP A 1190 -28.80 -0.50 1.76
N HIS A 1191 -30.10 -0.78 1.64
CA HIS A 1191 -30.68 -0.95 0.33
C HIS A 1191 -30.88 0.40 -0.36
N THR A 1192 -30.29 0.55 -1.54
CA THR A 1192 -30.37 1.82 -2.23
C THR A 1192 -31.30 1.76 -3.42
N ARG A 1193 -31.78 2.92 -3.82
CA ARG A 1193 -32.53 3.08 -5.06
C ARG A 1193 -31.71 4.04 -5.91
N ASP A 1194 -31.56 3.74 -7.19
CA ASP A 1194 -30.81 4.63 -8.07
C ASP A 1194 -31.57 5.91 -8.37
N ARG A 1195 -30.83 7.00 -8.45
CA ARG A 1195 -31.40 8.30 -8.80
C ARG A 1195 -30.78 8.77 -10.10
N GLU A 1196 -31.36 9.77 -10.71
CA GLU A 1196 -30.82 10.29 -11.96
C GLU A 1196 -29.74 11.28 -11.62
N ARG A 1197 -28.56 11.13 -12.24
CA ARG A 1197 -27.50 12.09 -12.04
C ARG A 1197 -27.61 13.27 -13.01
N ALA A 1198 -26.98 14.39 -12.67
CA ALA A 1198 -27.00 15.57 -13.54
C ALA A 1198 -25.89 15.48 -14.58
N GLU A 1199 -26.27 15.22 -15.82
CA GLU A 1199 -25.29 14.88 -16.84
C GLU A 1199 -24.27 15.98 -17.09
N LEU A 1200 -24.72 17.22 -17.30
CA LEU A 1200 -23.78 18.31 -17.47
C LEU A 1200 -22.92 18.49 -16.22
N GLY A 1201 -23.57 18.60 -15.07
CA GLY A 1201 -22.85 18.79 -13.82
C GLY A 1201 -21.84 17.70 -13.52
N SER A 1202 -22.19 16.44 -13.81
CA SER A 1202 -21.28 15.35 -13.54
C SER A 1202 -20.06 15.48 -14.43
N TYR A 1203 -20.29 16.00 -15.62
CA TYR A 1203 -19.22 16.15 -16.58
C TYR A 1203 -18.28 17.29 -16.20
N LEU A 1204 -18.83 18.40 -15.72
CA LEU A 1204 -18.00 19.46 -15.19
C LEU A 1204 -17.19 18.92 -14.04
N TYR A 1205 -17.86 18.25 -13.11
CA TYR A 1205 -17.17 17.75 -11.94
C TYR A 1205 -16.00 16.89 -12.35
N ASP A 1206 -16.24 15.94 -13.26
CA ASP A 1206 -15.17 15.12 -13.81
C ASP A 1206 -14.03 15.95 -14.41
N LEU A 1207 -14.37 16.86 -15.32
CA LEU A 1207 -13.35 17.70 -15.96
C LEU A 1207 -12.61 18.59 -14.99
N PHE A 1208 -13.35 19.19 -14.07
CA PHE A 1208 -12.78 20.10 -13.12
C PHE A 1208 -11.74 19.35 -12.31
N SER A 1209 -12.08 18.12 -11.95
CA SER A 1209 -11.18 17.25 -11.19
C SER A 1209 -9.89 16.92 -11.93
N ARG A 1210 -9.99 16.64 -13.22
CA ARG A 1210 -8.80 16.38 -14.01
C ARG A 1210 -7.95 17.62 -14.09
N CYS A 1211 -8.58 18.78 -13.99
CA CYS A 1211 -7.80 19.99 -13.98
C CYS A 1211 -6.98 19.96 -12.71
N LEU A 1212 -7.66 19.91 -11.56
CA LEU A 1212 -7.01 19.81 -10.25
C LEU A 1212 -5.76 18.89 -10.18
N SER A 1213 -5.75 17.81 -10.95
CA SER A 1213 -4.63 16.87 -10.93
C SER A 1213 -3.38 17.36 -11.66
N GLU A 1214 -3.55 17.96 -12.83
CA GLU A 1214 -2.43 18.50 -13.60
C GLU A 1214 -1.50 19.34 -12.70
N SER A 1215 -2.08 20.07 -11.75
CA SER A 1215 -1.32 20.79 -10.72
C SER A 1215 -1.17 19.94 -9.45
N ASN A 1216 -0.35 18.89 -9.56
CA ASN A 1216 -0.10 17.96 -8.46
C ASN A 1216 1.18 17.15 -8.70
N ALA A 1234 6.99 -3.08 -6.80
CA ALA A 1234 6.67 -2.12 -5.75
C ALA A 1234 5.33 -1.41 -6.00
N ILE A 1235 5.36 -0.40 -6.87
CA ILE A 1235 4.21 0.44 -7.16
C ILE A 1235 3.53 0.13 -8.51
N ASP A 1236 2.58 -0.79 -8.48
CA ASP A 1236 1.69 -1.04 -9.62
C ASP A 1236 0.30 -0.52 -9.26
N GLN A 1237 0.25 0.38 -8.29
CA GLN A 1237 -0.96 1.09 -7.91
C GLN A 1237 -1.29 2.13 -8.98
N LEU A 1238 -0.29 2.45 -9.81
CA LEU A 1238 -0.45 3.39 -10.91
C LEU A 1238 -1.20 2.73 -12.05
N ILE A 1239 -1.73 1.53 -11.79
CA ILE A 1239 -2.52 0.81 -12.77
C ILE A 1239 -4.04 1.02 -12.55
N CYS A 1240 -4.43 1.79 -11.54
CA CYS A 1240 -5.85 2.02 -11.24
C CYS A 1240 -6.28 3.49 -11.23
N ARG A 1241 -7.54 3.77 -11.58
CA ARG A 1241 -8.07 5.15 -11.70
C ARG A 1241 -8.85 5.67 -10.48
N SER A 1242 -9.94 6.38 -10.77
CA SER A 1242 -10.93 6.79 -9.76
C SER A 1242 -12.29 7.02 -10.45
N ASN A 1243 -13.38 6.69 -9.75
CA ASN A 1243 -14.66 6.29 -10.38
C ASN A 1243 -15.86 7.28 -10.63
N PRO A 1244 -16.68 6.95 -11.65
CA PRO A 1244 -17.83 7.68 -12.22
C PRO A 1244 -18.94 8.09 -11.25
N THR A 1245 -19.47 9.30 -11.43
CA THR A 1245 -20.55 9.83 -10.57
C THR A 1245 -21.85 9.02 -10.60
N LYS A 1246 -22.31 8.60 -9.42
CA LYS A 1246 -23.50 7.76 -9.24
C LYS A 1246 -24.32 8.22 -8.02
N ILE A 1247 -25.60 8.54 -8.25
CA ILE A 1247 -26.44 9.02 -7.16
C ILE A 1247 -27.43 7.95 -6.70
N SER A 1248 -27.72 7.90 -5.40
CA SER A 1248 -28.68 6.93 -4.92
C SER A 1248 -29.41 7.32 -3.63
N ARG A 1249 -30.73 7.14 -3.63
CA ARG A 1249 -31.54 7.37 -2.43
C ARG A 1249 -31.44 6.19 -1.46
N SER A 1250 -31.45 6.48 -0.18
CA SER A 1250 -31.54 5.41 0.79
C SER A 1250 -33.03 5.11 1.04
N THR A 1251 -33.46 3.90 0.69
CA THR A 1251 -34.71 3.34 1.20
C THR A 1251 -34.38 2.84 2.61
N GLY A 1252 -35.37 2.56 3.43
CA GLY A 1252 -35.05 2.17 4.80
C GLY A 1252 -34.80 0.68 4.99
N LYS A 1253 -34.64 -0.03 3.88
CA LYS A 1253 -34.51 -1.48 3.94
C LYS A 1253 -33.06 -1.94 3.84
N PHE A 1254 -32.86 -3.24 3.94
CA PHE A 1254 -31.51 -3.78 3.87
C PHE A 1254 -31.34 -4.74 2.74
N ASP A 1255 -30.11 -4.81 2.22
CA ASP A 1255 -29.78 -5.80 1.23
C ASP A 1255 -28.66 -6.71 1.68
N ILE A 1256 -28.49 -7.83 1.01
CA ILE A 1256 -27.39 -8.71 1.30
C ILE A 1256 -26.42 -8.57 0.15
N GLN A 1257 -25.16 -8.24 0.45
CA GLN A 1257 -24.13 -8.20 -0.58
C GLN A 1257 -23.01 -9.17 -0.27
N TYR A 1258 -22.47 -9.86 -1.28
CA TYR A 1258 -21.35 -10.76 -1.07
C TYR A 1258 -20.03 -10.04 -1.32
N ILE A 1259 -19.15 -10.08 -0.33
CA ILE A 1259 -17.83 -9.46 -0.44
C ILE A 1259 -16.72 -10.50 -0.30
N ALA A 1260 -15.55 -10.16 -0.84
CA ALA A 1260 -14.39 -11.05 -0.78
C ALA A 1260 -13.70 -11.01 0.58
N CYS A 1261 -13.27 -12.16 1.08
CA CYS A 1261 -12.55 -12.22 2.35
C CYS A 1261 -11.32 -13.10 2.32
N SER A 1262 -10.42 -12.80 3.24
CA SER A 1262 -9.18 -13.54 3.40
C SER A 1262 -9.21 -14.10 4.80
N SER A 1263 -8.92 -15.41 4.91
CA SER A 1263 -8.96 -16.15 6.18
C SER A 1263 -8.61 -15.27 7.38
N ARG A 1264 -7.56 -14.47 7.22
CA ARG A 1264 -7.08 -13.57 8.26
C ARG A 1264 -6.79 -14.32 9.58
N1 CH1 D . -15.45 20.01 14.58
C2 CH1 D . -16.45 20.15 13.66
N3 CH1 D . -17.52 19.30 13.65
C4 CH1 D . -17.59 18.30 14.56
C5 CH1 D . -16.55 18.16 15.49
C6 CH1 D . -15.50 19.03 15.49
O2 CH1 D . -16.39 21.08 12.84
N4 CH1 D . -18.73 17.34 14.57
C1' CH1 D . -14.29 20.97 14.60
C2' CH1 D . -14.55 22.29 15.06
O2' CH1 D . -14.09 23.22 14.13
C3' CH1 D . -13.86 22.42 16.36
C4' CH1 D . -13.01 21.30 16.48
O4' CH1 D . -13.21 20.48 15.36
C5' CH1 D . -13.37 20.53 17.71
O5' CH1 D . -14.52 20.92 18.38
PA CH1 D . -14.93 19.96 19.54
O1A CH1 D . -15.37 18.62 19.03
O2A CH1 D . -13.66 19.76 20.38
O3A CH1 D . -15.99 20.66 20.47
PB CH1 D . -16.22 22.20 20.67
O1B CH1 D . -16.98 22.77 19.56
O2B CH1 D . -14.96 23.07 20.78
O3B CH1 D . -17.18 22.22 22.00
PG CH1 D . -16.90 21.39 23.38
O1G CH1 D . -17.80 20.19 23.39
O2G CH1 D . -17.30 22.25 24.59
O3G CH1 D . -15.46 20.92 23.60
CA CA E . -13.41 21.50 22.24
CA CA F . -10.81 18.25 21.41
#